data_4M1D
#
_entry.id   4M1D
#
_cell.length_a   179.836
_cell.length_b   59.781
_cell.length_c   137.066
_cell.angle_alpha   90.00
_cell.angle_beta   127.35
_cell.angle_gamma   90.00
#
_symmetry.space_group_name_H-M   'C 1 2 1'
#
loop_
_entity.id
_entity.type
_entity.pdbx_description
1 polymer 'Fab mAb 447-52D Light Chain'
2 polymer 'Fab mAb 447-52D Heavy Chain'
3 polymer 'Cyclic V3 Arch Peptide'
4 non-polymer GLYCEROL
5 water water
#
loop_
_entity_poly.entity_id
_entity_poly.type
_entity_poly.pdbx_seq_one_letter_code
_entity_poly.pdbx_strand_id
1 'polypeptide(L)'
;QSVLTQPPSVSAAPGQKVTISCSGSSSNIGNNYVLWYQQFPGTAPKLLIYGNNKRPSGIPDRFSGSKSGTSATLGITGLQ
TGDEADYFCATWDSGLSADWVFGGGTKLTVLSQPKAAPSVTLFPPSSEELQANKATLVCLISDFYPGAVTVAWKADSSPV
KAGVETTTPSKQSNNKYAASSYLSLTPEQWKSHRSYSCQVTHEGSTVEKTVAPTEC
;
L,M
2 'polypeptide(L)'
;EVQLVESGGGLVKPGGSLRLTCVASGFTFSDVWLNWVRQAPGKGLEWVGRIKSRTDGGTTDYAASVKGRFTISRDDSKNT
LYLQMNSLKTEDTAVYSCTTDGFIMIRGVSEDYYYYYMDVWGKGTTVTVSSASTKGPSVFPLAPCSRSTSGGTAALGCLV
KDYFPEPVTVSWNSGALTSGVHTFPAVLQSSGLYSLSSVVTVPSSSLGTQTYTCNVNHKPSNTKVDKRVEL
;
H,I
3 'polypeptide(L)' CRIHIGPGRAFYTC P,Q
#
loop_
_chem_comp.id
_chem_comp.type
_chem_comp.name
_chem_comp.formula
GOL non-polymer GLYCEROL 'C3 H8 O3'
#
# COMPACT_ATOMS: atom_id res chain seq x y z
N GLN A 1 -23.13 -12.39 21.30
CA GLN A 1 -22.87 -13.71 21.83
C GLN A 1 -22.51 -13.65 23.32
N SER A 2 -22.93 -12.58 23.99
CA SER A 2 -22.79 -12.51 25.43
C SER A 2 -23.69 -13.60 26.00
N VAL A 3 -23.29 -14.13 27.16
CA VAL A 3 -24.04 -15.23 27.75
C VAL A 3 -25.48 -14.83 28.08
N LEU A 4 -25.63 -13.65 28.68
CA LEU A 4 -26.96 -13.12 28.94
C LEU A 4 -27.27 -12.06 27.88
N THR A 5 -28.51 -12.03 27.40
CA THR A 5 -28.88 -11.15 26.28
C THR A 5 -29.69 -9.93 26.76
N GLN A 6 -29.22 -8.74 26.41
CA GLN A 6 -29.93 -7.51 26.71
C GLN A 6 -30.19 -6.73 25.42
N PRO A 7 -31.21 -5.88 25.42
CA PRO A 7 -31.34 -4.97 24.28
C PRO A 7 -30.14 -4.04 24.19
N PRO A 8 -29.68 -3.73 22.97
CA PRO A 8 -28.50 -2.86 22.88
C PRO A 8 -28.74 -1.47 23.45
N SER A 9 -29.97 -0.97 23.36
CA SER A 9 -30.23 0.39 23.86
C SER A 9 -31.71 0.59 24.19
N VAL A 10 -31.97 1.50 25.12
CA VAL A 10 -33.34 1.93 25.46
C VAL A 10 -33.29 3.43 25.70
N SER A 11 -34.42 4.12 25.55
CA SER A 11 -34.42 5.55 25.78
C SER A 11 -35.79 6.04 26.23
N ALA A 12 -35.79 7.14 26.97
CA ALA A 12 -37.01 7.85 27.36
C ALA A 12 -36.61 9.24 27.84
N ALA A 13 -37.59 10.10 28.05
CA ALA A 13 -37.32 11.48 28.45
C ALA A 13 -37.28 11.62 29.97
N PRO A 14 -36.70 12.72 30.49
CA PRO A 14 -36.70 12.95 31.94
C PRO A 14 -38.08 12.83 32.57
N GLY A 15 -38.12 12.20 33.74
CA GLY A 15 -39.35 11.99 34.46
C GLY A 15 -40.10 10.71 34.11
N GLN A 16 -39.69 10.04 33.04
CA GLN A 16 -40.44 8.88 32.56
C GLN A 16 -39.86 7.58 33.11
N LYS A 17 -40.41 6.44 32.70
CA LYS A 17 -39.85 5.17 33.20
C LYS A 17 -39.45 4.23 32.07
N VAL A 18 -38.51 3.33 32.37
CA VAL A 18 -38.04 2.39 31.36
C VAL A 18 -37.87 1.00 32.01
N THR A 19 -37.83 -0.04 31.20
CA THR A 19 -37.40 -1.37 31.67
C THR A 19 -36.26 -1.86 30.80
N ILE A 20 -35.35 -2.64 31.40
CA ILE A 20 -34.22 -3.19 30.66
C ILE A 20 -34.24 -4.68 30.97
N SER A 21 -34.34 -5.52 29.94
CA SER A 21 -34.49 -6.95 30.15
C SER A 21 -33.18 -7.69 29.99
N CYS A 22 -33.12 -8.88 30.59
CA CYS A 22 -31.90 -9.69 30.61
C CYS A 22 -32.43 -11.10 30.41
N SER A 23 -31.96 -11.79 29.37
CA SER A 23 -32.51 -13.10 29.03
C SER A 23 -31.41 -14.14 29.06
N GLY A 24 -31.61 -15.24 29.79
CA GLY A 24 -30.58 -16.28 29.85
C GLY A 24 -31.18 -17.68 29.75
N SER A 25 -30.61 -18.63 30.48
CA SER A 25 -31.09 -20.01 30.44
C SER A 25 -31.25 -20.56 31.85
N SER A 26 -31.71 -21.80 31.98
CA SER A 26 -31.95 -22.33 33.31
C SER A 26 -30.62 -22.44 34.06
N SER A 27 -29.54 -22.68 33.33
CA SER A 27 -28.24 -22.92 33.99
C SER A 27 -27.67 -21.65 34.62
N ASN A 28 -28.18 -20.48 34.19
CA ASN A 28 -27.75 -19.23 34.82
C ASN A 28 -28.89 -18.52 35.54
N ILE A 29 -29.61 -17.66 34.83
CA ILE A 29 -30.69 -16.93 35.47
C ILE A 29 -31.78 -17.81 36.10
N GLY A 30 -32.17 -18.87 35.40
CA GLY A 30 -33.24 -19.72 35.87
C GLY A 30 -33.04 -20.21 37.29
N ASN A 31 -31.86 -20.71 37.61
CA ASN A 31 -31.70 -21.31 38.94
C ASN A 31 -30.90 -20.46 39.91
N ASN A 32 -30.33 -19.35 39.44
CA ASN A 32 -29.52 -18.52 40.33
C ASN A 32 -30.12 -17.13 40.55
N TYR A 33 -29.35 -16.19 41.09
CA TYR A 33 -29.90 -14.88 41.43
C TYR A 33 -29.23 -13.77 40.62
N VAL A 34 -29.99 -12.72 40.31
CA VAL A 34 -29.51 -11.74 39.36
C VAL A 34 -29.05 -10.45 40.04
N LEU A 35 -27.95 -9.90 39.54
CA LEU A 35 -27.44 -8.59 39.98
C LEU A 35 -27.60 -7.62 38.80
N TRP A 36 -27.73 -6.32 39.08
CA TRP A 36 -27.66 -5.31 38.04
C TRP A 36 -26.63 -4.28 38.42
N TYR A 37 -25.86 -3.81 37.44
CA TYR A 37 -24.86 -2.77 37.62
C TYR A 37 -25.10 -1.60 36.68
N GLN A 38 -24.72 -0.41 37.14
CA GLN A 38 -24.69 0.82 36.36
C GLN A 38 -23.24 1.16 36.08
N GLN A 39 -22.93 1.59 34.87
CA GLN A 39 -21.56 1.99 34.54
C GLN A 39 -21.51 3.21 33.62
N PHE A 40 -20.91 4.29 34.09
CA PHE A 40 -20.67 5.48 33.27
C PHE A 40 -19.34 5.33 32.55
N PRO A 41 -19.19 5.98 31.37
CA PRO A 41 -17.92 5.89 30.63
C PRO A 41 -16.72 6.27 31.50
N GLY A 42 -15.68 5.45 31.46
CA GLY A 42 -14.48 5.69 32.24
C GLY A 42 -14.63 5.54 33.74
N THR A 43 -15.74 4.95 34.18
CA THR A 43 -15.90 4.69 35.61
C THR A 43 -16.10 3.18 35.85
N ALA A 44 -16.03 2.75 37.11
CA ALA A 44 -16.21 1.34 37.45
C ALA A 44 -17.69 1.01 37.59
N PRO A 45 -18.06 -0.27 37.44
CA PRO A 45 -19.46 -0.65 37.65
C PRO A 45 -19.94 -0.39 39.08
N LYS A 46 -21.21 0.02 39.22
CA LYS A 46 -21.79 0.32 40.52
C LYS A 46 -23.02 -0.58 40.73
N LEU A 47 -23.06 -1.29 41.85
CA LEU A 47 -24.19 -2.21 42.08
C LEU A 47 -25.49 -1.47 42.33
N LEU A 48 -26.55 -1.88 41.62
CA LEU A 48 -27.90 -1.31 41.78
C LEU A 48 -28.89 -2.29 42.42
N ILE A 49 -28.78 -3.56 42.05
CA ILE A 49 -29.76 -4.56 42.51
C ILE A 49 -28.96 -5.86 42.77
N TYR A 50 -29.32 -6.55 43.85
CA TYR A 50 -28.78 -7.90 44.05
C TYR A 50 -29.92 -8.82 44.47
N GLY A 51 -29.69 -10.14 44.42
CA GLY A 51 -30.69 -11.11 44.84
C GLY A 51 -32.04 -10.92 44.13
N ASN A 52 -31.96 -10.66 42.82
CA ASN A 52 -33.12 -10.40 41.95
C ASN A 52 -33.81 -9.06 42.11
N ASN A 53 -34.08 -8.67 43.36
CA ASN A 53 -34.95 -7.50 43.57
C ASN A 53 -34.60 -6.64 44.78
N LYS A 54 -33.42 -6.84 45.34
CA LYS A 54 -33.05 -6.08 46.54
C LYS A 54 -32.13 -4.92 46.18
N ARG A 55 -32.28 -3.79 46.88
CA ARG A 55 -31.41 -2.65 46.62
C ARG A 55 -30.36 -2.50 47.71
N PRO A 56 -29.09 -2.32 47.33
CA PRO A 56 -28.10 -2.04 48.38
C PRO A 56 -28.20 -0.61 48.90
N SER A 57 -27.41 -0.30 49.93
CA SER A 57 -27.41 1.04 50.53
C SER A 57 -27.26 2.16 49.53
N GLY A 58 -28.11 3.18 49.66
CA GLY A 58 -27.89 4.39 48.89
C GLY A 58 -28.56 4.34 47.53
N ILE A 59 -29.16 3.21 47.17
CA ILE A 59 -29.88 3.13 45.90
C ILE A 59 -31.36 3.46 46.10
N PRO A 60 -31.85 4.51 45.42
CA PRO A 60 -33.22 4.98 45.61
C PRO A 60 -34.29 4.01 45.08
N ASP A 61 -35.49 4.06 45.63
CA ASP A 61 -36.50 3.06 45.28
C ASP A 61 -37.09 3.20 43.87
N ARG A 62 -36.65 4.20 43.13
CA ARG A 62 -37.06 4.29 41.73
C ARG A 62 -36.30 3.29 40.87
N PHE A 63 -35.30 2.62 41.45
CA PHE A 63 -34.67 1.47 40.78
C PHE A 63 -35.29 0.22 41.37
N SER A 64 -35.71 -0.72 40.53
CA SER A 64 -36.29 -1.96 41.04
C SER A 64 -35.93 -3.14 40.11
N GLY A 65 -36.13 -4.36 40.60
CA GLY A 65 -35.76 -5.52 39.81
C GLY A 65 -36.77 -6.65 39.96
N SER A 66 -36.92 -7.47 38.93
CA SER A 66 -37.73 -8.67 39.04
C SER A 66 -37.07 -9.79 38.27
N LYS A 67 -37.47 -11.01 38.59
CA LYS A 67 -36.96 -12.17 37.89
C LYS A 67 -38.16 -13.05 37.57
N SER A 68 -38.16 -13.61 36.37
CA SER A 68 -39.27 -14.45 35.93
C SER A 68 -38.73 -15.53 35.00
N GLY A 69 -38.73 -16.78 35.48
CA GLY A 69 -38.26 -17.88 34.64
C GLY A 69 -36.77 -17.72 34.38
N THR A 70 -36.39 -17.69 33.10
CA THR A 70 -34.99 -17.47 32.74
C THR A 70 -34.70 -16.03 32.29
N SER A 71 -35.57 -15.10 32.68
CA SER A 71 -35.39 -13.68 32.35
C SER A 71 -35.40 -12.83 33.60
N ALA A 72 -34.85 -11.64 33.49
CA ALA A 72 -34.88 -10.68 34.61
C ALA A 72 -35.06 -9.30 34.03
N THR A 73 -35.52 -8.37 34.86
CA THR A 73 -35.80 -7.03 34.37
C THR A 73 -35.38 -5.99 35.40
N LEU A 74 -34.75 -4.91 34.92
CA LEU A 74 -34.45 -3.76 35.75
C LEU A 74 -35.46 -2.68 35.37
N GLY A 75 -36.10 -2.07 36.37
CA GLY A 75 -37.03 -0.98 36.12
C GLY A 75 -36.44 0.30 36.69
N ILE A 76 -36.53 1.40 35.94
CA ILE A 76 -36.08 2.70 36.44
C ILE A 76 -37.19 3.73 36.23
N THR A 77 -37.69 4.34 37.30
CA THR A 77 -38.70 5.40 37.15
C THR A 77 -38.10 6.78 37.45
N GLY A 78 -38.88 7.83 37.14
CA GLY A 78 -38.42 9.19 37.36
C GLY A 78 -37.04 9.47 36.81
N LEU A 79 -36.83 9.10 35.55
CA LEU A 79 -35.51 9.25 34.93
C LEU A 79 -34.90 10.63 35.10
N GLN A 80 -33.62 10.63 35.42
CA GLN A 80 -32.87 11.88 35.53
C GLN A 80 -31.81 11.88 34.47
N THR A 81 -31.36 13.07 34.04
CA THR A 81 -30.33 13.14 33.02
C THR A 81 -29.10 12.37 33.50
N GLY A 82 -28.87 12.36 34.81
CA GLY A 82 -27.71 11.71 35.39
C GLY A 82 -27.75 10.19 35.35
N ASP A 83 -28.88 9.64 34.91
CA ASP A 83 -29.06 8.19 34.78
C ASP A 83 -28.56 7.66 33.43
N GLU A 84 -28.28 8.56 32.49
CA GLU A 84 -27.75 8.13 31.20
C GLU A 84 -26.42 7.38 31.41
N ALA A 85 -26.39 6.10 31.03
CA ALA A 85 -25.27 5.19 31.34
C ALA A 85 -25.49 3.84 30.69
N ASP A 86 -24.55 2.93 30.88
CA ASP A 86 -24.74 1.54 30.47
C ASP A 86 -25.20 0.73 31.67
N TYR A 87 -26.09 -0.23 31.43
CA TYR A 87 -26.65 -1.04 32.52
C TYR A 87 -26.45 -2.49 32.11
N PHE A 88 -25.88 -3.32 32.99
CA PHE A 88 -25.72 -4.73 32.62
C PHE A 88 -26.09 -5.63 33.79
N CYS A 89 -26.61 -6.81 33.45
CA CYS A 89 -27.00 -7.80 34.42
C CYS A 89 -25.88 -8.83 34.60
N ALA A 90 -25.93 -9.54 35.72
CA ALA A 90 -24.96 -10.59 35.97
C ALA A 90 -25.61 -11.65 36.83
N THR A 91 -25.13 -12.88 36.69
CA THR A 91 -25.48 -13.93 37.63
C THR A 91 -24.35 -14.94 37.54
N TRP A 92 -24.61 -16.19 37.91
CA TRP A 92 -23.58 -17.21 37.76
C TRP A 92 -24.17 -18.49 37.18
N ASP A 93 -23.28 -19.37 36.72
CA ASP A 93 -23.66 -20.61 36.09
C ASP A 93 -23.71 -21.73 37.14
N SER A 94 -24.54 -22.72 36.88
CA SER A 94 -24.79 -23.81 37.83
C SER A 94 -23.82 -24.98 37.71
N GLY A 95 -22.87 -24.90 36.79
CA GLY A 95 -21.82 -25.92 36.68
C GLY A 95 -20.82 -25.87 37.83
N LEU A 96 -19.95 -26.88 37.97
CA LEU A 96 -19.04 -26.88 39.14
C LEU A 96 -18.01 -25.75 39.17
N SER A 97 -17.65 -25.23 38.00
CA SER A 97 -16.70 -24.11 37.95
C SER A 97 -17.37 -22.79 38.36
N ALA A 98 -18.70 -22.77 38.30
CA ALA A 98 -19.50 -21.62 38.79
C ALA A 98 -19.06 -20.27 38.23
N ASP A 99 -18.95 -20.19 36.90
CA ASP A 99 -18.54 -18.92 36.27
C ASP A 99 -19.49 -17.78 36.64
N TRP A 100 -18.96 -16.59 36.94
CA TRP A 100 -19.82 -15.41 36.86
C TRP A 100 -20.14 -15.23 35.38
N VAL A 101 -21.37 -14.81 35.05
CA VAL A 101 -21.73 -14.55 33.65
C VAL A 101 -22.41 -13.19 33.53
N PHE A 102 -22.29 -12.58 32.36
CA PHE A 102 -22.73 -11.20 32.22
C PHE A 102 -23.60 -10.95 30.99
N GLY A 103 -24.46 -9.94 31.10
CA GLY A 103 -25.14 -9.41 29.92
C GLY A 103 -24.23 -8.51 29.10
N GLY A 104 -24.58 -8.33 27.82
CA GLY A 104 -23.82 -7.49 26.90
C GLY A 104 -23.96 -6.00 27.16
N GLY A 105 -24.88 -5.64 28.04
CA GLY A 105 -25.03 -4.23 28.38
C GLY A 105 -26.10 -3.51 27.54
N THR A 106 -26.75 -2.53 28.17
CA THR A 106 -27.78 -1.74 27.51
C THR A 106 -27.43 -0.27 27.72
N LYS A 107 -27.33 0.49 26.63
CA LYS A 107 -27.11 1.93 26.73
C LYS A 107 -28.45 2.62 26.95
N LEU A 108 -28.62 3.29 28.08
CA LEU A 108 -29.83 4.04 28.35
C LEU A 108 -29.59 5.48 27.97
N THR A 109 -30.40 5.99 27.05
CA THR A 109 -30.34 7.41 26.71
C THR A 109 -31.51 8.15 27.34
N VAL A 110 -31.20 9.21 28.08
CA VAL A 110 -32.24 10.07 28.65
C VAL A 110 -32.37 11.22 27.64
N LEU A 111 -33.49 11.21 26.91
CA LEU A 111 -33.66 12.00 25.69
C LEU A 111 -33.57 13.48 26.01
N SER A 112 -32.71 14.17 25.28
CA SER A 112 -32.50 15.58 25.57
C SER A 112 -32.54 16.41 24.29
N GLN A 113 -32.84 15.75 23.18
CA GLN A 113 -33.09 16.41 21.91
C GLN A 113 -33.98 15.51 21.06
N PRO A 114 -34.60 16.08 20.01
CA PRO A 114 -35.47 15.23 19.16
C PRO A 114 -34.68 14.04 18.59
N LYS A 115 -35.35 12.92 18.41
CA LYS A 115 -34.68 11.80 17.77
C LYS A 115 -34.33 12.25 16.36
N ALA A 116 -33.16 11.83 15.87
CA ALA A 116 -32.65 12.29 14.58
C ALA A 116 -32.23 11.10 13.73
N ALA A 117 -32.72 11.04 12.50
CA ALA A 117 -32.41 9.91 11.62
C ALA A 117 -30.99 10.05 11.08
N PRO A 118 -30.32 8.92 10.83
CA PRO A 118 -28.93 9.01 10.35
C PRO A 118 -28.83 9.47 8.89
N SER A 119 -27.78 10.20 8.56
CA SER A 119 -27.39 10.44 7.17
C SER A 119 -26.42 9.34 6.80
N VAL A 120 -26.66 8.70 5.67
CA VAL A 120 -25.85 7.58 5.25
C VAL A 120 -25.21 7.88 3.90
N THR A 121 -23.90 7.68 3.81
CA THR A 121 -23.20 7.74 2.54
C THR A 121 -22.45 6.44 2.31
N LEU A 122 -22.72 5.81 1.16
CA LEU A 122 -22.03 4.59 0.81
C LEU A 122 -20.98 4.88 -0.25
N PHE A 123 -19.72 4.67 0.09
CA PHE A 123 -18.62 4.90 -0.85
C PHE A 123 -18.24 3.60 -1.54
N PRO A 124 -18.05 3.66 -2.86
CA PRO A 124 -17.62 2.46 -3.58
C PRO A 124 -16.11 2.26 -3.45
N PRO A 125 -15.55 1.13 -3.91
CA PRO A 125 -14.09 1.03 -3.84
C PRO A 125 -13.47 2.03 -4.79
N SER A 126 -12.35 2.62 -4.38
CA SER A 126 -11.64 3.54 -5.24
C SER A 126 -10.90 2.78 -6.35
N SER A 127 -10.70 3.45 -7.47
CA SER A 127 -9.87 2.90 -8.54
C SER A 127 -8.49 2.51 -8.03
N GLU A 128 -7.93 3.33 -7.14
CA GLU A 128 -6.63 2.99 -6.55
C GLU A 128 -6.64 1.67 -5.81
N GLU A 129 -7.66 1.42 -5.00
CA GLU A 129 -7.69 0.17 -4.25
C GLU A 129 -7.90 -1.02 -5.18
N LEU A 130 -8.77 -0.86 -6.18
CA LEU A 130 -8.98 -1.90 -7.17
C LEU A 130 -7.67 -2.25 -7.90
N GLN A 131 -6.83 -1.25 -8.14
CA GLN A 131 -5.54 -1.46 -8.79
C GLN A 131 -4.60 -2.24 -7.86
N ALA A 132 -4.82 -2.11 -6.55
CA ALA A 132 -4.08 -2.89 -5.55
C ALA A 132 -4.70 -4.28 -5.36
N ASN A 133 -5.66 -4.63 -6.20
CA ASN A 133 -6.33 -5.93 -6.18
C ASN A 133 -7.22 -6.20 -4.96
N LYS A 134 -7.71 -5.14 -4.34
CA LYS A 134 -8.63 -5.25 -3.22
C LYS A 134 -9.84 -4.38 -3.44
N ALA A 135 -10.85 -4.52 -2.60
CA ALA A 135 -12.03 -3.69 -2.74
C ALA A 135 -12.77 -3.62 -1.41
N THR A 136 -13.02 -2.40 -0.95
CA THR A 136 -13.69 -2.17 0.32
C THR A 136 -14.86 -1.22 0.09
N LEU A 137 -16.05 -1.63 0.51
CA LEU A 137 -17.19 -0.72 0.52
C LEU A 137 -17.26 -0.07 1.90
N VAL A 138 -17.51 1.23 1.94
CA VAL A 138 -17.47 1.96 3.20
C VAL A 138 -18.79 2.69 3.41
N CYS A 139 -19.52 2.27 4.44
CA CYS A 139 -20.81 2.85 4.73
C CYS A 139 -20.62 3.76 5.94
N LEU A 140 -20.77 5.06 5.72
CA LEU A 140 -20.58 5.99 6.81
C LEU A 140 -21.92 6.55 7.24
N ILE A 141 -22.11 6.61 8.56
CA ILE A 141 -23.40 6.85 9.18
C ILE A 141 -23.20 7.97 10.20
N SER A 142 -23.95 9.06 10.09
CA SER A 142 -23.71 10.17 11.01
C SER A 142 -24.96 10.93 11.42
N ASP A 143 -24.80 11.76 12.45
CA ASP A 143 -25.85 12.65 12.94
C ASP A 143 -27.14 11.95 13.35
N PHE A 144 -27.02 10.77 13.97
CA PHE A 144 -28.21 10.10 14.48
C PHE A 144 -28.30 10.24 16.00
N TYR A 145 -29.52 10.25 16.52
CA TYR A 145 -29.76 10.35 17.96
C TYR A 145 -31.07 9.65 18.28
N PRO A 146 -31.09 8.74 19.28
CA PRO A 146 -30.01 8.29 20.18
C PRO A 146 -28.98 7.45 19.45
N GLY A 147 -27.86 7.20 20.11
CA GLY A 147 -26.72 6.57 19.49
C GLY A 147 -26.73 5.05 19.38
N ALA A 148 -27.71 4.51 18.67
CA ALA A 148 -27.71 3.08 18.38
C ALA A 148 -28.30 2.82 16.99
N VAL A 149 -27.63 1.99 16.21
CA VAL A 149 -28.10 1.62 14.88
C VAL A 149 -27.79 0.15 14.63
N THR A 150 -28.47 -0.44 13.65
CA THR A 150 -28.04 -1.71 13.11
C THR A 150 -27.80 -1.55 11.60
N VAL A 151 -26.88 -2.34 11.07
CA VAL A 151 -26.44 -2.21 9.69
C VAL A 151 -26.56 -3.56 9.01
N ALA A 152 -27.16 -3.58 7.83
CA ALA A 152 -27.27 -4.82 7.06
C ALA A 152 -26.81 -4.54 5.63
N TRP A 153 -26.07 -5.49 5.06
CA TRP A 153 -25.55 -5.34 3.71
C TRP A 153 -26.28 -6.27 2.75
N LYS A 154 -26.34 -5.85 1.49
CA LYS A 154 -26.94 -6.66 0.43
C LYS A 154 -26.07 -6.62 -0.81
N ALA A 155 -25.85 -7.80 -1.41
CA ALA A 155 -25.33 -7.88 -2.77
C ALA A 155 -26.54 -8.10 -3.68
N ASP A 156 -26.77 -7.16 -4.59
CA ASP A 156 -28.00 -7.14 -5.36
C ASP A 156 -29.19 -7.12 -4.40
N SER A 157 -29.90 -8.23 -4.31
CA SER A 157 -31.06 -8.32 -3.41
C SER A 157 -30.82 -9.27 -2.24
N SER A 158 -29.72 -10.00 -2.30
CA SER A 158 -29.43 -11.00 -1.28
C SER A 158 -28.65 -10.39 -0.13
N PRO A 159 -28.98 -10.77 1.11
CA PRO A 159 -28.15 -10.44 2.26
C PRO A 159 -26.71 -10.92 2.08
N VAL A 160 -25.77 -10.10 2.54
CA VAL A 160 -24.37 -10.50 2.65
C VAL A 160 -23.95 -10.26 4.08
N LYS A 161 -23.40 -11.28 4.72
CA LYS A 161 -22.97 -11.14 6.11
C LYS A 161 -21.47 -11.34 6.26
N ALA A 162 -20.86 -12.03 5.31
CA ALA A 162 -19.42 -12.30 5.37
C ALA A 162 -18.60 -11.08 4.95
N GLY A 163 -17.49 -10.84 5.64
CA GLY A 163 -16.61 -9.74 5.30
C GLY A 163 -17.09 -8.39 5.82
N VAL A 164 -17.96 -8.41 6.83
CA VAL A 164 -18.51 -7.19 7.41
C VAL A 164 -17.87 -6.86 8.75
N GLU A 165 -17.44 -5.62 8.92
CA GLU A 165 -17.07 -5.07 10.23
C GLU A 165 -17.82 -3.76 10.43
N THR A 166 -18.31 -3.54 11.65
CA THR A 166 -19.06 -2.32 11.96
C THR A 166 -18.52 -1.74 13.26
N THR A 167 -18.40 -0.41 13.34
CA THR A 167 -17.93 0.22 14.56
C THR A 167 -19.08 0.57 15.51
N THR A 168 -18.79 0.60 16.80
CA THR A 168 -19.79 1.02 17.78
C THR A 168 -19.90 2.54 17.70
N PRO A 169 -21.13 3.08 17.80
CA PRO A 169 -21.34 4.52 17.64
C PRO A 169 -20.56 5.36 18.62
N SER A 170 -20.07 6.49 18.15
CA SER A 170 -19.29 7.41 18.95
C SER A 170 -19.93 8.78 18.85
N LYS A 171 -19.78 9.56 19.92
CA LYS A 171 -20.38 10.89 19.95
C LYS A 171 -19.66 11.84 19.02
N GLN A 172 -20.44 12.65 18.32
CA GLN A 172 -19.90 13.74 17.51
C GLN A 172 -19.78 14.99 18.38
N SER A 173 -19.69 16.15 17.74
CA SER A 173 -19.53 17.41 18.45
C SER A 173 -20.88 17.98 18.89
N ASN A 174 -21.92 17.74 18.08
CA ASN A 174 -23.26 18.21 18.39
C ASN A 174 -24.06 17.22 19.24
N ASN A 175 -23.36 16.32 19.92
CA ASN A 175 -23.98 15.30 20.77
C ASN A 175 -24.89 14.29 20.04
N LYS A 176 -24.86 14.33 18.72
CA LYS A 176 -25.41 13.23 17.93
C LYS A 176 -24.30 12.21 17.72
N TYR A 177 -24.59 11.14 17.00
CA TYR A 177 -23.66 10.01 16.93
C TYR A 177 -23.28 9.65 15.50
N ALA A 178 -22.12 9.01 15.35
CA ALA A 178 -21.68 8.46 14.08
C ALA A 178 -21.23 7.01 14.23
N ALA A 179 -21.31 6.26 13.15
CA ALA A 179 -20.78 4.90 13.10
C ALA A 179 -20.32 4.57 11.69
N SER A 180 -19.57 3.47 11.54
CA SER A 180 -19.10 3.07 10.22
C SER A 180 -19.23 1.58 10.04
N SER A 181 -19.39 1.15 8.79
CA SER A 181 -19.41 -0.27 8.51
C SER A 181 -18.68 -0.51 7.20
N TYR A 182 -18.08 -1.69 7.08
CA TYR A 182 -17.21 -2.02 5.95
C TYR A 182 -17.60 -3.34 5.37
N LEU A 183 -17.63 -3.43 4.05
CA LEU A 183 -17.81 -4.71 3.41
C LEU A 183 -16.56 -4.96 2.59
N SER A 184 -15.85 -6.04 2.89
CA SER A 184 -14.66 -6.41 2.13
C SER A 184 -15.01 -7.36 1.00
N LEU A 185 -14.59 -7.01 -0.22
CA LEU A 185 -14.85 -7.82 -1.40
C LEU A 185 -13.57 -8.02 -2.23
N THR A 186 -13.59 -9.02 -3.11
CA THR A 186 -12.58 -9.14 -4.15
C THR A 186 -13.04 -8.22 -5.28
N PRO A 187 -12.09 -7.73 -6.09
CA PRO A 187 -12.45 -6.92 -7.25
C PRO A 187 -13.43 -7.68 -8.14
N GLU A 188 -13.30 -8.99 -8.15
CA GLU A 188 -14.14 -9.85 -8.95
C GLU A 188 -15.60 -9.82 -8.50
N GLN A 189 -15.82 -9.95 -7.19
CA GLN A 189 -17.18 -9.87 -6.63
C GLN A 189 -17.80 -8.51 -6.91
N TRP A 190 -17.00 -7.46 -6.75
CA TRP A 190 -17.47 -6.10 -6.97
C TRP A 190 -18.00 -5.92 -8.39
N LYS A 191 -17.22 -6.37 -9.38
CA LYS A 191 -17.62 -6.27 -10.79
C LYS A 191 -18.79 -7.20 -11.13
N SER A 192 -18.86 -8.34 -10.46
CA SER A 192 -19.92 -9.32 -10.72
C SER A 192 -21.32 -8.73 -10.62
N HIS A 193 -21.70 -8.35 -9.40
CA HIS A 193 -23.08 -7.95 -9.11
C HIS A 193 -23.40 -6.60 -9.72
N ARG A 194 -24.70 -6.33 -9.89
CA ARG A 194 -25.12 -5.06 -10.44
C ARG A 194 -25.20 -3.97 -9.39
N SER A 195 -25.40 -4.35 -8.13
CA SER A 195 -25.37 -3.37 -7.04
C SER A 195 -25.02 -3.96 -5.67
N TYR A 196 -24.59 -3.09 -4.76
CA TYR A 196 -24.45 -3.42 -3.35
C TYR A 196 -25.17 -2.35 -2.53
N SER A 197 -25.76 -2.76 -1.41
CA SER A 197 -26.50 -1.83 -0.57
C SER A 197 -26.11 -1.93 0.91
N CYS A 198 -26.16 -0.78 1.57
CA CYS A 198 -25.98 -0.68 3.01
C CYS A 198 -27.30 -0.17 3.58
N GLN A 199 -27.90 -0.93 4.49
CA GLN A 199 -29.18 -0.54 5.11
C GLN A 199 -28.98 -0.23 6.57
N VAL A 200 -29.34 0.97 7.00
CA VAL A 200 -29.13 1.37 8.39
C VAL A 200 -30.49 1.54 9.06
N THR A 201 -30.69 0.80 10.14
CA THR A 201 -31.94 0.88 10.87
C THR A 201 -31.70 1.65 12.17
N HIS A 202 -32.54 2.66 12.42
CA HIS A 202 -32.43 3.48 13.62
C HIS A 202 -33.84 3.72 14.12
N GLU A 203 -34.09 3.41 15.39
CA GLU A 203 -35.40 3.63 16.02
C GLU A 203 -36.55 3.18 15.12
N GLY A 204 -36.42 1.98 14.56
CA GLY A 204 -37.47 1.40 13.74
C GLY A 204 -37.63 1.89 12.31
N SER A 205 -36.76 2.79 11.86
CA SER A 205 -36.84 3.26 10.47
C SER A 205 -35.53 3.01 9.74
N THR A 206 -35.62 2.51 8.52
CA THR A 206 -34.43 2.14 7.76
C THR A 206 -34.09 3.16 6.68
N VAL A 207 -32.81 3.49 6.59
CA VAL A 207 -32.26 4.35 5.55
C VAL A 207 -31.31 3.50 4.72
N GLU A 208 -31.50 3.49 3.40
CA GLU A 208 -30.70 2.63 2.53
C GLU A 208 -29.96 3.40 1.45
N LYS A 209 -28.69 3.03 1.22
CA LYS A 209 -27.95 3.57 0.10
C LYS A 209 -27.40 2.45 -0.76
N THR A 210 -27.31 2.69 -2.07
CA THR A 210 -26.86 1.67 -3.01
C THR A 210 -25.79 2.21 -3.96
N VAL A 211 -24.81 1.38 -4.29
CA VAL A 211 -23.82 1.76 -5.31
C VAL A 211 -23.74 0.70 -6.38
N ALA A 212 -23.47 1.12 -7.60
CA ALA A 212 -23.43 0.23 -8.75
C ALA A 212 -22.12 0.42 -9.51
N PRO A 213 -21.36 -0.67 -9.68
CA PRO A 213 -20.07 -0.68 -10.38
C PRO A 213 -20.16 -0.04 -11.76
N THR A 214 -21.29 -0.22 -12.43
CA THR A 214 -21.50 0.39 -13.75
C THR A 214 -22.07 1.80 -13.63
N GLU A 215 -21.74 2.48 -12.54
CA GLU A 215 -22.07 3.89 -12.36
C GLU A 215 -20.92 4.61 -11.65
N CYS A 216 -19.85 3.86 -11.39
CA CYS A 216 -18.66 4.40 -10.75
C CYS A 216 -17.47 3.46 -10.91
N GLU B 1 -5.58 4.89 49.25
CA GLU B 1 -6.44 4.46 48.15
C GLU B 1 -7.01 3.07 48.42
N VAL B 2 -8.30 2.89 48.16
CA VAL B 2 -8.92 1.59 48.20
C VAL B 2 -9.08 1.17 46.75
N GLN B 3 -8.21 0.29 46.27
CA GLN B 3 -8.19 0.00 44.82
C GLN B 3 -7.43 -1.26 44.43
N LEU B 4 -7.60 -1.64 43.16
CA LEU B 4 -6.93 -2.75 42.53
C LEU B 4 -6.26 -2.14 41.30
N VAL B 5 -4.99 -2.45 41.08
CA VAL B 5 -4.28 -1.90 39.92
C VAL B 5 -3.57 -2.99 39.13
N GLU B 6 -3.99 -3.19 37.89
CA GLU B 6 -3.40 -4.22 37.04
C GLU B 6 -2.21 -3.68 36.25
N SER B 7 -1.27 -4.55 35.96
CA SER B 7 -0.17 -4.18 35.07
C SER B 7 0.31 -5.42 34.33
N GLY B 8 1.10 -5.20 33.27
CA GLY B 8 1.76 -6.30 32.60
C GLY B 8 1.25 -6.54 31.20
N GLY B 9 0.23 -5.79 30.80
CA GLY B 9 -0.34 -5.97 29.48
C GLY B 9 0.64 -5.58 28.38
N GLY B 10 0.43 -6.13 27.19
CA GLY B 10 1.26 -5.80 26.04
C GLY B 10 0.95 -6.67 24.83
N LEU B 11 1.82 -6.58 23.83
CA LEU B 11 1.64 -7.34 22.60
C LEU B 11 2.44 -8.61 22.69
N VAL B 12 1.81 -9.72 22.36
CA VAL B 12 2.47 -11.02 22.35
C VAL B 12 1.99 -11.80 21.13
N LYS B 13 2.86 -12.66 20.60
CA LYS B 13 2.50 -13.51 19.49
C LYS B 13 1.75 -14.75 19.97
N PRO B 14 0.87 -15.30 19.12
CA PRO B 14 0.16 -16.55 19.40
C PRO B 14 1.14 -17.65 19.78
N GLY B 15 0.76 -18.43 20.79
CA GLY B 15 1.60 -19.49 21.32
C GLY B 15 2.49 -19.01 22.44
N GLY B 16 2.63 -17.69 22.56
CA GLY B 16 3.46 -17.09 23.58
C GLY B 16 2.80 -17.07 24.95
N SER B 17 3.51 -16.49 25.91
CA SER B 17 3.04 -16.39 27.29
C SER B 17 3.19 -14.96 27.83
N LEU B 18 2.43 -14.65 28.86
CA LEU B 18 2.45 -13.34 29.47
C LEU B 18 1.87 -13.45 30.88
N ARG B 19 2.45 -12.73 31.82
CA ARG B 19 1.92 -12.70 33.19
C ARG B 19 1.40 -11.33 33.58
N LEU B 20 0.16 -11.28 34.06
CA LEU B 20 -0.40 -10.03 34.55
C LEU B 20 -0.32 -9.99 36.04
N THR B 21 -0.19 -8.79 36.59
CA THR B 21 -0.21 -8.63 38.02
C THR B 21 -1.32 -7.65 38.41
N CYS B 22 -1.84 -7.83 39.62
CA CYS B 22 -2.89 -6.98 40.11
C CYS B 22 -2.57 -6.69 41.58
N VAL B 23 -2.34 -5.43 41.89
CA VAL B 23 -1.93 -5.03 43.24
C VAL B 23 -3.07 -4.35 43.96
N ALA B 24 -3.38 -4.82 45.17
CA ALA B 24 -4.48 -4.27 45.96
C ALA B 24 -3.97 -3.28 47.00
N SER B 25 -4.77 -2.25 47.28
CA SER B 25 -4.45 -1.27 48.32
C SER B 25 -5.70 -0.91 49.10
N GLY B 26 -5.55 -0.64 50.40
CA GLY B 26 -6.62 -0.02 51.15
C GLY B 26 -7.65 -0.94 51.79
N PHE B 27 -7.48 -2.25 51.62
CA PHE B 27 -8.37 -3.20 52.27
C PHE B 27 -7.61 -4.46 52.63
N THR B 28 -8.22 -5.35 53.42
CA THR B 28 -7.58 -6.60 53.78
C THR B 28 -7.65 -7.62 52.64
N PHE B 29 -6.57 -7.69 51.86
CA PHE B 29 -6.52 -8.49 50.64
C PHE B 29 -6.72 -9.97 50.93
N SER B 30 -6.13 -10.45 52.02
CA SER B 30 -6.17 -11.88 52.31
C SER B 30 -7.59 -12.39 52.62
N ASP B 31 -8.51 -11.49 52.92
CA ASP B 31 -9.88 -11.87 53.31
C ASP B 31 -10.81 -12.11 52.12
N VAL B 32 -10.39 -11.72 50.92
CA VAL B 32 -11.31 -11.71 49.77
C VAL B 32 -10.96 -12.75 48.71
N TRP B 33 -12.00 -13.21 48.02
CA TRP B 33 -11.83 -13.98 46.80
C TRP B 33 -11.61 -12.94 45.70
N LEU B 34 -10.85 -13.32 44.67
CA LEU B 34 -10.55 -12.41 43.56
C LEU B 34 -10.91 -13.05 42.22
N ASN B 35 -11.27 -12.24 41.23
CA ASN B 35 -11.58 -12.77 39.91
C ASN B 35 -10.70 -12.07 38.90
N TRP B 36 -10.45 -12.74 37.79
CA TRP B 36 -10.03 -12.06 36.56
C TRP B 36 -11.23 -12.09 35.61
N VAL B 37 -11.45 -10.96 34.95
CA VAL B 37 -12.45 -10.85 33.89
C VAL B 37 -11.77 -10.24 32.66
N ARG B 38 -12.37 -10.38 31.49
CA ARG B 38 -11.83 -9.73 30.30
C ARG B 38 -12.94 -9.25 29.37
N GLN B 39 -12.62 -8.26 28.56
CA GLN B 39 -13.59 -7.74 27.60
C GLN B 39 -12.89 -7.49 26.27
N ALA B 40 -13.31 -8.24 25.26
CA ALA B 40 -12.76 -8.15 23.91
C ALA B 40 -13.44 -6.99 23.21
N PRO B 41 -12.79 -6.41 22.19
CA PRO B 41 -13.35 -5.25 21.50
C PRO B 41 -14.74 -5.55 20.94
N GLY B 42 -15.67 -4.65 21.20
CA GLY B 42 -17.04 -4.81 20.73
C GLY B 42 -17.81 -5.95 21.37
N LYS B 43 -17.25 -6.55 22.43
CA LYS B 43 -17.93 -7.66 23.08
C LYS B 43 -18.21 -7.38 24.56
N GLY B 44 -18.96 -8.28 25.17
CA GLY B 44 -19.33 -8.12 26.57
C GLY B 44 -18.32 -8.80 27.48
N LEU B 45 -18.46 -8.51 28.77
CA LEU B 45 -17.54 -9.01 29.79
C LEU B 45 -17.61 -10.54 29.93
N GLU B 46 -16.44 -11.17 30.05
CA GLU B 46 -16.36 -12.62 30.22
C GLU B 46 -15.51 -12.91 31.47
N TRP B 47 -16.00 -13.83 32.32
CA TRP B 47 -15.21 -14.17 33.49
C TRP B 47 -14.15 -15.17 33.07
N VAL B 48 -12.93 -14.96 33.58
CA VAL B 48 -11.76 -15.79 33.23
C VAL B 48 -11.51 -16.85 34.31
N GLY B 49 -11.61 -16.45 35.56
CA GLY B 49 -11.38 -17.39 36.67
C GLY B 49 -11.38 -16.73 38.04
N ARG B 50 -11.31 -17.52 39.12
CA ARG B 50 -11.24 -16.94 40.46
C ARG B 50 -10.13 -17.67 41.23
N ILE B 51 -9.69 -17.05 42.30
CA ILE B 51 -8.99 -17.76 43.35
C ILE B 51 -9.63 -17.40 44.70
N LYS B 52 -9.90 -18.42 45.52
CA LYS B 52 -10.53 -18.17 46.80
C LYS B 52 -9.51 -17.69 47.84
N SER B 53 -10.00 -17.24 48.98
CA SER B 53 -9.13 -16.84 50.08
C SER B 53 -8.44 -18.07 50.67
N ARG B 54 -7.34 -17.84 51.38
CA ARG B 54 -6.62 -18.89 52.08
C ARG B 54 -7.53 -19.63 53.05
N THR B 55 -8.35 -18.90 53.80
CA THR B 55 -9.27 -19.55 54.73
C THR B 55 -10.28 -20.49 54.04
N ASP B 56 -10.57 -20.22 52.77
CA ASP B 56 -11.48 -21.08 52.00
C ASP B 56 -10.76 -22.01 51.06
N GLY B 57 -9.45 -22.17 51.27
CA GLY B 57 -8.71 -23.20 50.58
C GLY B 57 -7.78 -22.73 49.47
N GLY B 58 -7.88 -21.47 49.11
CA GLY B 58 -7.03 -20.91 48.06
C GLY B 58 -7.15 -21.57 46.68
N THR B 59 -8.25 -22.27 46.42
CA THR B 59 -8.37 -23.01 45.16
C THR B 59 -8.81 -22.10 44.02
N THR B 60 -8.65 -22.57 42.80
CA THR B 60 -8.93 -21.75 41.62
C THR B 60 -9.97 -22.45 40.77
N ASP B 61 -10.85 -21.66 40.10
CA ASP B 61 -11.78 -22.17 39.10
C ASP B 61 -11.52 -21.36 37.84
N TYR B 62 -11.78 -21.97 36.68
CA TYR B 62 -11.49 -21.32 35.38
C TYR B 62 -12.64 -21.46 34.40
N ALA B 63 -12.76 -20.50 33.49
CA ALA B 63 -13.71 -20.58 32.40
C ALA B 63 -13.23 -21.69 31.48
N ALA B 64 -14.16 -22.39 30.85
CA ALA B 64 -13.77 -23.47 29.92
C ALA B 64 -12.82 -23.01 28.82
N SER B 65 -12.98 -21.75 28.38
CA SER B 65 -12.17 -21.20 27.30
C SER B 65 -10.67 -21.04 27.61
N VAL B 66 -10.29 -21.10 28.88
CA VAL B 66 -8.90 -20.88 29.26
C VAL B 66 -8.30 -22.03 30.09
N LYS B 67 -9.14 -23.02 30.37
CA LYS B 67 -8.74 -24.17 31.19
C LYS B 67 -7.53 -24.85 30.60
N GLY B 68 -6.50 -25.05 31.41
CA GLY B 68 -5.29 -25.72 30.95
C GLY B 68 -4.28 -24.78 30.33
N ARG B 69 -4.68 -23.52 30.07
CA ARG B 69 -3.74 -22.55 29.50
C ARG B 69 -3.38 -21.42 30.47
N PHE B 70 -4.35 -21.00 31.29
CA PHE B 70 -4.16 -19.89 32.23
C PHE B 70 -4.07 -20.42 33.67
N THR B 71 -3.27 -19.76 34.50
CA THR B 71 -3.14 -20.09 35.91
C THR B 71 -3.22 -18.83 36.75
N ILE B 72 -4.10 -18.87 37.76
CA ILE B 72 -4.21 -17.78 38.72
C ILE B 72 -3.52 -18.15 40.04
N SER B 73 -2.81 -17.20 40.63
CA SER B 73 -2.21 -17.42 41.93
C SER B 73 -2.24 -16.13 42.73
N ARG B 74 -1.98 -16.22 44.02
CA ARG B 74 -1.98 -15.03 44.84
C ARG B 74 -0.82 -15.07 45.85
N ASP B 75 -0.30 -13.89 46.15
CA ASP B 75 0.72 -13.73 47.17
C ASP B 75 0.20 -12.75 48.20
N ASP B 76 -0.37 -13.27 49.29
CA ASP B 76 -1.01 -12.43 50.28
C ASP B 76 -0.04 -11.43 50.94
N SER B 77 1.22 -11.83 51.10
CA SER B 77 2.22 -10.96 51.73
C SER B 77 2.48 -9.70 50.91
N LYS B 78 2.26 -9.78 49.60
CA LYS B 78 2.52 -8.66 48.71
C LYS B 78 1.23 -8.00 48.21
N ASN B 79 0.08 -8.41 48.75
CA ASN B 79 -1.22 -7.92 48.29
C ASN B 79 -1.38 -8.05 46.78
N THR B 80 -0.90 -9.15 46.22
CA THR B 80 -0.79 -9.28 44.78
C THR B 80 -1.47 -10.52 44.21
N LEU B 81 -2.18 -10.31 43.10
CA LEU B 81 -2.86 -11.37 42.37
C LEU B 81 -2.16 -11.52 41.01
N TYR B 82 -1.99 -12.74 40.55
CA TYR B 82 -1.34 -12.99 39.26
C TYR B 82 -2.26 -13.75 38.32
N LEU B 83 -2.10 -13.47 37.02
CA LEU B 83 -2.66 -14.30 35.97
C LEU B 83 -1.52 -14.67 35.03
N GLN B 84 -1.15 -15.95 35.03
CA GLN B 84 -0.14 -16.46 34.12
C GLN B 84 -0.86 -17.01 32.91
N MET B 85 -0.61 -16.43 31.74
CA MET B 85 -1.26 -16.86 30.51
C MET B 85 -0.25 -17.56 29.60
N ASN B 86 -0.54 -18.81 29.24
CA ASN B 86 0.31 -19.56 28.31
C ASN B 86 -0.49 -19.95 27.08
N SER B 87 0.20 -20.39 26.03
CA SER B 87 -0.45 -20.81 24.79
C SER B 87 -1.51 -19.82 24.32
N LEU B 88 -1.13 -18.55 24.27
CA LEU B 88 -2.07 -17.48 23.93
C LEU B 88 -2.60 -17.61 22.50
N LYS B 89 -3.87 -17.24 22.34
CA LYS B 89 -4.57 -17.30 21.06
C LYS B 89 -4.99 -15.89 20.70
N THR B 90 -5.23 -15.63 19.41
CA THR B 90 -5.67 -14.29 19.01
C THR B 90 -6.98 -13.90 19.69
N GLU B 91 -7.83 -14.90 19.94
CA GLU B 91 -9.11 -14.62 20.59
C GLU B 91 -8.97 -14.27 22.08
N ASP B 92 -7.76 -14.40 22.63
CA ASP B 92 -7.49 -13.96 24.01
C ASP B 92 -7.25 -12.44 24.07
N THR B 93 -7.22 -11.77 22.92
CA THR B 93 -7.06 -10.32 22.89
C THR B 93 -8.21 -9.61 23.61
N ALA B 94 -7.90 -8.78 24.61
CA ALA B 94 -8.90 -8.14 25.45
C ALA B 94 -8.28 -7.20 26.47
N VAL B 95 -9.12 -6.39 27.10
CA VAL B 95 -8.73 -5.69 28.31
C VAL B 95 -9.00 -6.65 29.50
N TYR B 96 -7.97 -6.93 30.30
CA TYR B 96 -8.10 -7.83 31.45
C TYR B 96 -8.17 -7.02 32.73
N SER B 97 -9.17 -7.30 33.56
CA SER B 97 -9.36 -6.58 34.82
C SER B 97 -9.45 -7.58 35.97
N CYS B 98 -9.03 -7.17 37.16
CA CYS B 98 -9.27 -7.96 38.35
C CYS B 98 -10.37 -7.33 39.19
N THR B 99 -11.11 -8.17 39.92
CA THR B 99 -12.14 -7.70 40.81
C THR B 99 -12.12 -8.53 42.10
N THR B 100 -12.69 -7.98 43.16
CA THR B 100 -12.91 -8.73 44.39
C THR B 100 -14.37 -9.18 44.42
N ASP B 101 -14.66 -10.28 45.13
CA ASP B 101 -16.03 -10.56 45.53
C ASP B 101 -16.28 -9.81 46.84
N GLY B 102 -17.42 -9.14 46.93
CA GLY B 102 -17.86 -8.56 48.19
C GLY B 102 -19.17 -9.20 48.55
N PHE B 103 -19.77 -8.79 49.68
CA PHE B 103 -21.08 -9.33 50.03
C PHE B 103 -21.95 -8.32 50.74
N ILE B 104 -23.26 -8.56 50.66
CA ILE B 104 -24.25 -7.90 51.49
C ILE B 104 -24.75 -8.92 52.48
N MET B 105 -24.68 -8.60 53.75
CA MET B 105 -25.19 -9.49 54.78
C MET B 105 -26.59 -9.11 55.25
N ILE B 106 -27.46 -10.10 55.37
CA ILE B 106 -28.80 -9.89 55.92
C ILE B 106 -29.02 -10.83 57.12
N ARG B 107 -29.19 -10.25 58.30
CA ARG B 107 -29.39 -11.07 59.49
C ARG B 107 -30.82 -11.62 59.52
N GLY B 108 -30.95 -12.92 59.79
CA GLY B 108 -32.25 -13.51 60.07
C GLY B 108 -32.27 -13.99 61.50
N VAL B 109 -33.39 -14.54 61.94
CA VAL B 109 -33.47 -14.99 63.34
C VAL B 109 -32.66 -16.26 63.59
N SER B 110 -32.67 -17.18 62.62
CA SER B 110 -31.92 -18.43 62.77
C SER B 110 -30.79 -18.58 61.75
N GLU B 111 -30.88 -17.88 60.63
CA GLU B 111 -29.77 -17.88 59.66
C GLU B 111 -29.42 -16.47 59.20
N ASP B 112 -28.13 -16.23 59.01
CA ASP B 112 -27.67 -15.01 58.37
C ASP B 112 -27.43 -15.34 56.91
N TYR B 113 -27.84 -14.44 56.03
CA TYR B 113 -27.68 -14.60 54.59
C TYR B 113 -26.58 -13.72 54.06
N TYR B 114 -25.80 -14.26 53.12
CA TYR B 114 -24.72 -13.49 52.51
C TYR B 114 -24.91 -13.50 50.99
N TYR B 115 -25.10 -12.32 50.41
CA TYR B 115 -25.25 -12.21 48.95
C TYR B 115 -23.97 -11.66 48.34
N TYR B 116 -23.33 -12.45 47.48
CA TYR B 116 -22.04 -12.03 46.92
C TYR B 116 -22.16 -11.28 45.59
N TYR B 117 -21.21 -10.41 45.34
CA TYR B 117 -21.21 -9.64 44.09
C TYR B 117 -19.79 -9.16 43.80
N MET B 118 -19.50 -8.82 42.55
CA MET B 118 -18.20 -8.24 42.24
C MET B 118 -18.18 -6.79 42.69
N ASP B 119 -17.22 -6.50 43.57
CA ASP B 119 -17.29 -5.35 44.45
C ASP B 119 -16.28 -4.29 44.03
N VAL B 120 -15.00 -4.51 44.31
CA VAL B 120 -13.96 -3.57 43.87
C VAL B 120 -13.47 -4.00 42.47
N TRP B 121 -13.34 -3.04 41.54
CA TRP B 121 -12.94 -3.36 40.17
C TRP B 121 -11.70 -2.58 39.77
N GLY B 122 -10.72 -3.25 39.18
CA GLY B 122 -9.55 -2.57 38.65
C GLY B 122 -9.88 -1.87 37.33
N LYS B 123 -8.99 -1.02 36.84
CA LYS B 123 -9.25 -0.31 35.59
C LYS B 123 -8.89 -1.13 34.34
N GLY B 124 -8.02 -2.11 34.50
CA GLY B 124 -7.72 -3.04 33.43
C GLY B 124 -6.38 -2.81 32.78
N THR B 125 -5.89 -3.82 32.09
CA THR B 125 -4.64 -3.74 31.33
C THR B 125 -4.89 -4.42 29.99
N THR B 126 -4.32 -3.89 28.92
CA THR B 126 -4.63 -4.40 27.59
C THR B 126 -3.67 -5.46 27.14
N VAL B 127 -4.22 -6.58 26.67
CA VAL B 127 -3.44 -7.66 26.09
C VAL B 127 -3.83 -7.86 24.64
N THR B 128 -2.84 -7.80 23.76
CA THR B 128 -3.08 -7.98 22.32
C THR B 128 -2.28 -9.18 21.85
N VAL B 129 -2.95 -10.15 21.28
CA VAL B 129 -2.27 -11.31 20.75
C VAL B 129 -2.39 -11.33 19.23
N SER B 130 -1.26 -11.16 18.56
CA SER B 130 -1.25 -11.01 17.11
C SER B 130 0.09 -11.50 16.57
N SER B 131 0.05 -12.14 15.40
CA SER B 131 1.30 -12.50 14.72
C SER B 131 1.83 -11.37 13.82
N ALA B 132 1.09 -10.25 13.74
CA ALA B 132 1.40 -9.19 12.78
C ALA B 132 2.68 -8.42 13.08
N SER B 133 3.37 -8.04 12.02
CA SER B 133 4.53 -7.14 12.09
C SER B 133 4.05 -5.72 11.88
N THR B 134 4.83 -4.78 12.40
CA THR B 134 4.54 -3.36 12.22
C THR B 134 4.45 -3.05 10.72
N LYS B 135 3.44 -2.27 10.35
CA LYS B 135 3.19 -1.95 8.95
C LYS B 135 2.40 -0.66 8.83
N GLY B 136 2.86 0.24 7.97
CA GLY B 136 2.18 1.50 7.75
C GLY B 136 0.97 1.33 6.86
N PRO B 137 0.04 2.29 6.91
CA PRO B 137 -1.21 2.11 6.18
C PRO B 137 -1.11 2.46 4.70
N SER B 138 -2.00 1.90 3.90
CA SER B 138 -2.28 2.47 2.59
C SER B 138 -3.45 3.42 2.77
N VAL B 139 -3.48 4.49 2.02
CA VAL B 139 -4.55 5.47 2.17
C VAL B 139 -5.29 5.64 0.84
N PHE B 140 -6.60 5.44 0.87
CA PHE B 140 -7.39 5.55 -0.33
C PHE B 140 -8.43 6.64 -0.20
N PRO B 141 -8.71 7.36 -1.30
CA PRO B 141 -9.72 8.40 -1.24
C PRO B 141 -11.14 7.83 -1.19
N LEU B 142 -12.01 8.45 -0.41
CA LEU B 142 -13.42 8.12 -0.41
C LEU B 142 -14.19 9.26 -1.06
N ALA B 143 -14.77 8.97 -2.22
CA ALA B 143 -15.58 9.96 -2.94
C ALA B 143 -16.86 9.27 -3.44
N PRO B 144 -17.98 10.01 -3.49
CA PRO B 144 -19.26 9.37 -3.81
C PRO B 144 -19.42 8.93 -5.28
N CYS B 145 -20.35 8.01 -5.51
CA CYS B 145 -20.58 7.41 -6.82
C CYS B 145 -21.07 8.43 -7.86
N SER B 146 -21.85 9.41 -7.44
CA SER B 146 -22.38 10.41 -8.37
C SER B 146 -22.20 11.85 -7.87
N ARG B 147 -22.37 12.82 -8.79
CA ARG B 147 -22.17 14.23 -8.50
C ARG B 147 -23.07 14.71 -7.37
N SER B 148 -22.52 15.55 -6.49
CA SER B 148 -23.26 16.13 -5.38
C SER B 148 -24.43 16.97 -5.90
N THR B 149 -25.49 17.07 -5.10
CA THR B 149 -26.68 17.83 -5.51
C THR B 149 -26.49 19.32 -5.25
N SER B 150 -26.97 20.14 -6.19
CA SER B 150 -26.94 21.59 -6.01
C SER B 150 -27.84 22.00 -4.85
N GLY B 151 -27.30 22.82 -3.95
CA GLY B 151 -28.03 23.29 -2.80
C GLY B 151 -27.96 22.33 -1.62
N GLY B 152 -27.39 21.15 -1.84
CA GLY B 152 -27.26 20.15 -0.80
C GLY B 152 -25.86 20.08 -0.25
N THR B 153 -25.54 18.97 0.42
CA THR B 153 -24.22 18.80 1.02
C THR B 153 -23.48 17.56 0.49
N ALA B 154 -22.17 17.53 0.67
CA ALA B 154 -21.35 16.43 0.15
C ALA B 154 -20.42 15.83 1.19
N ALA B 155 -20.25 14.51 1.13
CA ALA B 155 -19.35 13.80 2.04
C ALA B 155 -18.17 13.24 1.25
N LEU B 156 -16.97 13.43 1.79
CA LEU B 156 -15.77 12.83 1.21
C LEU B 156 -14.87 12.39 2.33
N GLY B 157 -13.88 11.56 2.02
CA GLY B 157 -13.05 11.04 3.07
C GLY B 157 -11.84 10.22 2.65
N CYS B 158 -11.22 9.59 3.64
CA CYS B 158 -10.03 8.78 3.48
C CYS B 158 -10.20 7.44 4.18
N LEU B 159 -9.90 6.37 3.45
CA LEU B 159 -9.83 5.04 4.04
C LEU B 159 -8.38 4.71 4.36
N VAL B 160 -8.09 4.50 5.64
CA VAL B 160 -6.75 4.22 6.09
C VAL B 160 -6.66 2.73 6.36
N LYS B 161 -5.95 2.01 5.51
CA LYS B 161 -6.13 0.57 5.44
C LYS B 161 -4.89 -0.24 5.76
N ASP B 162 -5.10 -1.35 6.47
CA ASP B 162 -4.08 -2.37 6.70
C ASP B 162 -2.82 -1.89 7.42
N TYR B 163 -2.99 -1.31 8.60
CA TYR B 163 -1.84 -0.93 9.41
C TYR B 163 -1.76 -1.77 10.68
N PHE B 164 -0.56 -1.85 11.26
CA PHE B 164 -0.36 -2.48 12.57
C PHE B 164 0.89 -1.89 13.24
N PRO B 165 0.85 -1.69 14.57
CA PRO B 165 -0.30 -1.78 15.47
C PRO B 165 -1.09 -0.46 15.49
N GLU B 166 -2.07 -0.38 16.36
CA GLU B 166 -2.76 0.89 16.58
C GLU B 166 -1.79 1.81 17.32
N PRO B 167 -2.00 3.13 17.24
CA PRO B 167 -3.07 3.84 16.53
C PRO B 167 -2.56 4.62 15.33
N VAL B 168 -3.49 5.15 14.55
CA VAL B 168 -3.17 6.22 13.61
C VAL B 168 -3.99 7.44 14.01
N THR B 169 -3.49 8.61 13.63
CA THR B 169 -4.23 9.86 13.80
C THR B 169 -4.46 10.47 12.42
N VAL B 170 -5.59 11.13 12.26
CA VAL B 170 -5.92 11.77 11.00
C VAL B 170 -6.34 13.23 11.21
N SER B 171 -5.75 14.14 10.46
CA SER B 171 -6.25 15.51 10.41
C SER B 171 -6.63 15.82 8.97
N TRP B 172 -7.25 16.98 8.75
CA TRP B 172 -7.61 17.41 7.42
C TRP B 172 -7.09 18.82 7.19
N ASN B 173 -6.54 19.05 5.99
CA ASN B 173 -5.90 20.33 5.68
C ASN B 173 -4.97 20.80 6.79
N SER B 174 -4.10 19.90 7.24
CA SER B 174 -3.13 20.18 8.29
C SER B 174 -3.76 20.58 9.62
N GLY B 175 -4.99 20.17 9.85
CA GLY B 175 -5.66 20.48 11.10
C GLY B 175 -6.52 21.73 11.07
N ALA B 176 -6.53 22.43 9.94
CA ALA B 176 -7.30 23.65 9.78
C ALA B 176 -8.78 23.36 9.54
N LEU B 177 -9.05 22.17 9.02
CA LEU B 177 -10.41 21.77 8.75
C LEU B 177 -10.87 20.82 9.85
N THR B 178 -11.80 21.30 10.69
CA THR B 178 -12.32 20.48 11.78
C THR B 178 -13.83 20.41 11.74
N SER B 179 -14.45 21.46 11.20
CA SER B 179 -15.90 21.47 11.13
C SER B 179 -16.38 20.38 10.18
N GLY B 180 -17.34 19.57 10.62
CA GLY B 180 -17.92 18.53 9.80
C GLY B 180 -17.06 17.28 9.65
N VAL B 181 -15.99 17.23 10.43
CA VAL B 181 -15.04 16.13 10.35
C VAL B 181 -15.34 15.09 11.42
N HIS B 182 -15.34 13.81 11.03
CA HIS B 182 -15.36 12.74 12.03
C HIS B 182 -14.39 11.62 11.65
N THR B 183 -13.54 11.25 12.61
CA THR B 183 -12.65 10.11 12.42
C THR B 183 -13.17 8.93 13.25
N PHE B 184 -13.41 7.80 12.59
CA PHE B 184 -14.07 6.66 13.21
C PHE B 184 -13.08 5.73 13.92
N PRO B 185 -13.56 4.89 14.87
CA PRO B 185 -12.69 3.89 15.46
C PRO B 185 -12.22 2.89 14.42
N ALA B 186 -11.09 2.24 14.69
CA ALA B 186 -10.55 1.19 13.83
C ALA B 186 -11.32 -0.13 13.93
N VAL B 187 -11.33 -0.88 12.84
CA VAL B 187 -11.83 -2.25 12.83
C VAL B 187 -10.66 -3.17 12.56
N LEU B 188 -10.76 -4.42 13.02
CA LEU B 188 -9.70 -5.39 12.79
C LEU B 188 -10.11 -6.41 11.72
N GLN B 189 -9.33 -6.47 10.65
CA GLN B 189 -9.63 -7.32 9.50
C GLN B 189 -9.20 -8.77 9.73
N SER B 190 -9.61 -9.64 8.80
CA SER B 190 -9.25 -11.06 8.84
C SER B 190 -7.75 -11.22 8.83
N SER B 191 -7.09 -10.28 8.15
CA SER B 191 -5.65 -10.30 7.98
C SER B 191 -4.86 -10.07 9.26
N GLY B 192 -5.54 -9.58 10.29
CA GLY B 192 -4.85 -9.18 11.51
C GLY B 192 -4.40 -7.74 11.47
N LEU B 193 -4.72 -7.05 10.37
CA LEU B 193 -4.40 -5.63 10.26
C LEU B 193 -5.63 -4.75 10.50
N TYR B 194 -5.40 -3.51 10.95
CA TYR B 194 -6.47 -2.56 11.22
C TYR B 194 -6.80 -1.65 10.05
N SER B 195 -8.03 -1.15 10.05
CA SER B 195 -8.48 -0.12 9.12
C SER B 195 -9.39 0.87 9.85
N LEU B 196 -9.30 2.14 9.46
CA LEU B 196 -10.30 3.11 9.87
C LEU B 196 -10.63 4.07 8.74
N SER B 197 -11.64 4.90 8.94
CA SER B 197 -12.02 5.91 7.96
C SER B 197 -12.11 7.25 8.66
N SER B 198 -11.96 8.31 7.89
CA SER B 198 -12.18 9.68 8.36
C SER B 198 -12.93 10.40 7.27
N VAL B 199 -13.95 11.17 7.64
CA VAL B 199 -14.70 11.94 6.66
C VAL B 199 -15.00 13.36 7.05
N VAL B 200 -15.34 14.14 6.04
CA VAL B 200 -15.76 15.51 6.24
C VAL B 200 -16.98 15.75 5.38
N THR B 201 -17.94 16.47 5.93
CA THR B 201 -19.14 16.83 5.20
C THR B 201 -19.04 18.32 4.93
N VAL B 202 -19.22 18.73 3.69
CA VAL B 202 -19.12 20.14 3.34
C VAL B 202 -20.29 20.53 2.45
N PRO B 203 -20.56 21.84 2.36
CA PRO B 203 -21.58 22.30 1.41
C PRO B 203 -21.17 21.94 -0.01
N SER B 204 -22.11 21.50 -0.82
CA SER B 204 -21.85 21.15 -2.23
C SER B 204 -21.19 22.31 -2.97
N SER B 205 -21.56 23.53 -2.62
CA SER B 205 -21.00 24.72 -3.26
C SER B 205 -19.54 24.93 -2.86
N SER B 206 -19.16 24.42 -1.69
CA SER B 206 -17.77 24.55 -1.24
C SER B 206 -16.82 23.75 -2.12
N LEU B 207 -17.36 22.76 -2.83
CA LEU B 207 -16.55 21.95 -3.73
C LEU B 207 -16.02 22.85 -4.83
N GLY B 208 -14.74 22.72 -5.13
CA GLY B 208 -14.14 23.53 -6.17
C GLY B 208 -13.55 24.83 -5.66
N THR B 209 -13.87 25.18 -4.42
CA THR B 209 -13.37 26.43 -3.83
C THR B 209 -12.05 26.21 -3.12
N GLN B 210 -11.80 24.98 -2.66
CA GLN B 210 -10.55 24.65 -2.00
C GLN B 210 -10.27 23.16 -2.10
N THR B 211 -9.07 22.79 -1.70
CA THR B 211 -8.65 21.39 -1.72
C THR B 211 -8.86 20.75 -0.36
N TYR B 212 -9.07 19.44 -0.39
CA TYR B 212 -9.31 18.68 0.81
C TYR B 212 -8.29 17.58 0.90
N THR B 213 -7.41 17.68 1.89
CA THR B 213 -6.33 16.72 2.06
C THR B 213 -6.39 16.07 3.43
N CYS B 214 -6.40 14.74 3.47
CA CYS B 214 -6.32 14.07 4.77
C CYS B 214 -4.87 13.79 5.11
N ASN B 215 -4.49 14.09 6.34
CA ASN B 215 -3.14 13.85 6.82
C ASN B 215 -3.20 12.69 7.80
N VAL B 216 -2.57 11.58 7.42
CA VAL B 216 -2.58 10.36 8.22
C VAL B 216 -1.23 10.20 8.88
N ASN B 217 -1.22 9.96 10.19
CA ASN B 217 0.02 9.74 10.91
C ASN B 217 0.02 8.39 11.60
N HIS B 218 0.97 7.53 11.23
CA HIS B 218 1.12 6.25 11.89
C HIS B 218 2.46 6.21 12.57
N LYS B 219 2.52 6.72 13.78
CA LYS B 219 3.76 6.80 14.54
C LYS B 219 4.50 5.45 14.71
N PRO B 220 3.77 4.36 15.02
CA PRO B 220 4.52 3.11 15.20
C PRO B 220 5.39 2.70 14.01
N SER B 221 5.01 3.06 12.78
CA SER B 221 5.85 2.73 11.62
C SER B 221 6.59 3.95 11.09
N ASN B 222 6.50 5.07 11.79
CA ASN B 222 7.09 6.33 11.34
C ASN B 222 6.67 6.69 9.93
N THR B 223 5.37 6.55 9.66
CA THR B 223 4.81 6.85 8.37
C THR B 223 3.86 8.04 8.50
N LYS B 224 3.97 8.99 7.60
CA LYS B 224 2.96 10.03 7.44
C LYS B 224 2.53 10.01 5.98
N VAL B 225 1.22 10.12 5.73
CA VAL B 225 0.71 10.21 4.36
C VAL B 225 -0.27 11.37 4.21
N ASP B 226 -0.06 12.16 3.17
CA ASP B 226 -1.02 13.18 2.78
C ASP B 226 -1.70 12.71 1.50
N LYS B 227 -3.02 12.74 1.51
CA LYS B 227 -3.80 12.27 0.38
C LYS B 227 -4.90 13.28 0.05
N ARG B 228 -4.81 13.87 -1.14
CA ARG B 228 -5.87 14.76 -1.59
C ARG B 228 -7.07 13.96 -2.08
N VAL B 229 -8.26 14.44 -1.78
CA VAL B 229 -9.51 13.81 -2.21
C VAL B 229 -10.33 14.76 -3.08
N GLU B 230 -10.65 14.33 -4.30
CA GLU B 230 -11.28 15.21 -5.27
C GLU B 230 -12.67 14.72 -5.67
N LEU B 231 -13.62 15.65 -5.72
CA LEU B 231 -15.00 15.33 -6.07
C LEU B 231 -15.43 16.07 -7.34
N CYS C 1 -26.75 -20.75 61.67
CA CYS C 1 -25.99 -21.11 60.48
C CYS C 1 -25.97 -19.95 59.47
N ARG C 2 -25.18 -20.10 58.41
CA ARG C 2 -25.09 -19.07 57.38
C ARG C 2 -25.51 -19.63 56.03
N ILE C 3 -26.20 -18.81 55.25
CA ILE C 3 -26.58 -19.20 53.91
C ILE C 3 -25.84 -18.26 52.96
N HIS C 4 -25.18 -18.84 51.97
CA HIS C 4 -24.31 -18.11 51.06
C HIS C 4 -24.89 -18.15 49.67
N ILE C 5 -25.16 -16.97 49.13
CA ILE C 5 -25.82 -16.84 47.83
C ILE C 5 -24.81 -16.24 46.85
N GLY C 6 -24.11 -17.11 46.12
CA GLY C 6 -23.10 -16.66 45.18
C GLY C 6 -22.31 -17.85 44.67
N PRO C 7 -21.53 -17.63 43.61
CA PRO C 7 -20.89 -18.74 42.89
C PRO C 7 -19.73 -19.32 43.68
N GLY C 8 -19.64 -20.64 43.71
CA GLY C 8 -18.49 -21.29 44.33
C GLY C 8 -18.61 -21.44 45.82
N ARG C 9 -19.61 -20.80 46.43
CA ARG C 9 -19.77 -20.84 47.89
C ARG C 9 -20.51 -22.10 48.33
N ALA C 10 -20.12 -22.69 49.45
CA ALA C 10 -20.96 -23.72 50.06
C ALA C 10 -22.29 -23.05 50.42
N PHE C 11 -23.39 -23.67 50.04
CA PHE C 11 -24.70 -23.05 50.18
C PHE C 11 -25.05 -22.78 51.66
N TYR C 12 -24.79 -23.76 52.53
CA TYR C 12 -25.06 -23.64 53.96
C TYR C 12 -23.81 -23.99 54.73
N THR C 13 -23.48 -23.18 55.74
CA THR C 13 -22.37 -23.51 56.63
C THR C 13 -22.84 -23.35 58.07
N CYS C 14 -22.24 -24.12 58.97
CA CYS C 14 -22.56 -24.00 60.39
C CYS C 14 -21.26 -24.00 61.18
N SER D 2 17.19 -6.65 -30.45
CA SER D 2 17.51 -5.84 -31.62
C SER D 2 17.71 -6.68 -32.88
N VAL D 3 17.37 -6.11 -34.02
CA VAL D 3 17.51 -6.83 -35.28
C VAL D 3 18.97 -7.15 -35.54
N LEU D 4 19.84 -6.14 -35.42
CA LEU D 4 21.27 -6.34 -35.58
C LEU D 4 21.88 -6.34 -34.17
N THR D 5 22.85 -7.23 -33.93
CA THR D 5 23.37 -7.41 -32.57
C THR D 5 24.78 -6.84 -32.39
N GLN D 6 24.95 -5.97 -31.39
CA GLN D 6 26.24 -5.36 -31.07
C GLN D 6 26.58 -5.63 -29.61
N PRO D 7 27.88 -5.61 -29.27
CA PRO D 7 28.25 -5.65 -27.86
C PRO D 7 27.74 -4.40 -27.15
N PRO D 8 27.22 -4.56 -25.92
CA PRO D 8 26.65 -3.40 -25.23
C PRO D 8 27.68 -2.30 -24.96
N SER D 9 28.94 -2.67 -24.75
CA SER D 9 29.93 -1.67 -24.37
C SER D 9 31.35 -2.05 -24.76
N VAL D 10 32.19 -1.03 -24.88
CA VAL D 10 33.60 -1.23 -25.14
C VAL D 10 34.38 -0.04 -24.60
N SER D 11 35.64 -0.26 -24.22
CA SER D 11 36.44 0.84 -23.72
C SER D 11 37.91 0.69 -24.08
N ALA D 12 38.58 1.83 -24.21
CA ALA D 12 40.01 1.86 -24.48
C ALA D 12 40.52 3.25 -24.14
N ALA D 13 41.84 3.37 -24.07
CA ALA D 13 42.48 4.63 -23.70
C ALA D 13 42.70 5.53 -24.91
N PRO D 14 42.85 6.84 -24.66
CA PRO D 14 43.27 7.75 -25.72
C PRO D 14 44.48 7.20 -26.46
N GLY D 15 44.54 7.44 -27.77
CA GLY D 15 45.62 6.93 -28.59
C GLY D 15 45.49 5.48 -29.01
N GLN D 16 44.61 4.72 -28.35
CA GLN D 16 44.46 3.30 -28.71
C GLN D 16 43.45 3.09 -29.86
N LYS D 17 43.21 1.83 -30.21
CA LYS D 17 42.27 1.51 -31.28
C LYS D 17 41.19 0.53 -30.80
N VAL D 18 39.96 0.72 -31.27
CA VAL D 18 38.87 -0.21 -30.95
C VAL D 18 38.14 -0.67 -32.20
N THR D 19 37.55 -1.85 -32.13
CA THR D 19 36.59 -2.27 -33.14
C THR D 19 35.24 -2.54 -32.50
N ILE D 20 34.19 -2.21 -33.23
CA ILE D 20 32.83 -2.46 -32.75
C ILE D 20 32.13 -3.31 -33.82
N SER D 21 31.63 -4.46 -33.42
CA SER D 21 31.04 -5.41 -34.36
C SER D 21 29.52 -5.30 -34.42
N CYS D 22 28.97 -5.75 -35.54
CA CYS D 22 27.54 -5.72 -35.80
C CYS D 22 27.20 -7.05 -36.45
N SER D 23 26.31 -7.82 -35.85
CA SER D 23 25.95 -9.12 -36.41
C SER D 23 24.49 -9.14 -36.90
N GLY D 24 24.28 -9.67 -38.10
CA GLY D 24 22.95 -9.70 -38.68
C GLY D 24 22.64 -11.02 -39.39
N SER D 25 21.76 -10.96 -40.38
CA SER D 25 21.35 -12.14 -41.12
C SER D 25 21.50 -11.91 -42.64
N SER D 26 21.25 -12.94 -43.43
CA SER D 26 21.37 -12.80 -44.87
C SER D 26 20.43 -11.71 -45.42
N SER D 27 19.23 -11.62 -44.83
CA SER D 27 18.23 -10.66 -45.31
C SER D 27 18.50 -9.19 -44.97
N ASN D 28 19.43 -8.92 -44.06
CA ASN D 28 19.81 -7.53 -43.84
C ASN D 28 21.25 -7.24 -44.23
N ILE D 29 22.19 -7.44 -43.31
CA ILE D 29 23.60 -7.19 -43.57
C ILE D 29 24.13 -8.01 -44.75
N GLY D 30 23.80 -9.30 -44.77
CA GLY D 30 24.23 -10.15 -45.88
C GLY D 30 23.95 -9.59 -47.27
N ASN D 31 22.71 -9.16 -47.50
CA ASN D 31 22.28 -8.71 -48.84
C ASN D 31 22.52 -7.23 -49.14
N ASN D 32 22.60 -6.40 -48.10
CA ASN D 32 22.58 -4.95 -48.30
C ASN D 32 23.81 -4.23 -47.75
N TYR D 33 23.78 -2.90 -47.74
CA TYR D 33 24.95 -2.12 -47.37
C TYR D 33 24.80 -1.57 -45.96
N VAL D 34 25.90 -1.54 -45.22
CA VAL D 34 25.87 -1.19 -43.81
C VAL D 34 26.25 0.27 -43.61
N LEU D 35 25.58 0.92 -42.66
CA LEU D 35 25.92 2.27 -42.24
C LEU D 35 26.31 2.27 -40.77
N TRP D 36 27.13 3.23 -40.38
CA TRP D 36 27.45 3.44 -38.96
C TRP D 36 27.14 4.87 -38.51
N TYR D 37 26.62 5.00 -37.29
CA TYR D 37 26.29 6.31 -36.71
C TYR D 37 26.99 6.53 -35.37
N GLN D 38 27.29 7.79 -35.09
CA GLN D 38 27.80 8.21 -33.78
C GLN D 38 26.73 9.03 -33.10
N GLN D 39 26.48 8.74 -31.83
CA GLN D 39 25.51 9.53 -31.09
C GLN D 39 26.03 9.91 -29.71
N PHE D 40 26.15 11.22 -29.47
CA PHE D 40 26.48 11.74 -28.15
C PHE D 40 25.20 11.92 -27.35
N PRO D 41 25.28 11.78 -26.02
CA PRO D 41 24.12 11.98 -25.12
C PRO D 41 23.27 13.19 -25.48
N GLY D 42 21.97 12.98 -25.60
CA GLY D 42 21.03 14.07 -25.85
C GLY D 42 21.07 14.71 -27.23
N THR D 43 21.87 14.19 -28.14
CA THR D 43 22.00 14.78 -29.48
C THR D 43 21.61 13.80 -30.60
N ALA D 44 21.40 14.33 -31.80
CA ALA D 44 21.01 13.50 -32.94
C ALA D 44 22.16 12.68 -33.49
N PRO D 45 21.85 11.48 -34.03
CA PRO D 45 22.90 10.65 -34.61
C PRO D 45 23.58 11.34 -35.80
N LYS D 46 24.86 11.04 -35.98
CA LYS D 46 25.63 11.61 -37.07
C LYS D 46 26.22 10.45 -37.89
N LEU D 47 26.14 10.55 -39.20
CA LEU D 47 26.64 9.48 -40.07
C LEU D 47 28.17 9.40 -40.06
N LEU D 48 28.71 8.21 -39.78
CA LEU D 48 30.15 7.97 -39.84
C LEU D 48 30.58 7.25 -41.10
N ILE D 49 29.86 6.19 -41.44
CA ILE D 49 30.22 5.30 -42.54
C ILE D 49 28.94 4.97 -43.32
N TYR D 50 29.04 4.84 -44.64
CA TYR D 50 27.93 4.38 -45.47
C TYR D 50 28.52 3.50 -46.57
N GLY D 51 27.66 2.72 -47.23
CA GLY D 51 28.14 1.83 -48.28
C GLY D 51 29.20 0.84 -47.82
N ASN D 52 29.02 0.33 -46.60
CA ASN D 52 29.96 -0.58 -45.95
C ASN D 52 31.22 0.09 -45.41
N ASN D 53 31.86 0.92 -46.23
CA ASN D 53 33.21 1.36 -45.90
C ASN D 53 33.58 2.76 -46.35
N LYS D 54 32.58 3.56 -46.72
CA LYS D 54 32.82 4.91 -47.23
C LYS D 54 32.57 5.98 -46.17
N ARG D 55 33.38 7.01 -46.18
CA ARG D 55 33.23 8.11 -45.22
C ARG D 55 32.66 9.36 -45.88
N PRO D 56 31.65 9.97 -45.24
CA PRO D 56 31.16 11.28 -45.65
C PRO D 56 32.27 12.30 -45.50
N SER D 57 32.18 13.41 -46.21
CA SER D 57 33.18 14.46 -46.04
C SER D 57 33.04 15.01 -44.62
N GLY D 58 34.17 15.20 -43.95
CA GLY D 58 34.14 15.72 -42.59
C GLY D 58 34.48 14.64 -41.58
N ILE D 59 34.39 13.39 -42.01
CA ILE D 59 34.76 12.27 -41.15
C ILE D 59 36.20 11.88 -41.40
N PRO D 60 37.03 11.91 -40.35
CA PRO D 60 38.46 11.62 -40.45
C PRO D 60 38.71 10.16 -40.77
N ASP D 61 39.87 9.86 -41.35
CA ASP D 61 40.14 8.51 -41.83
C ASP D 61 40.48 7.52 -40.74
N ARG D 62 40.47 7.96 -39.48
CA ARG D 62 40.67 7.04 -38.37
C ARG D 62 39.43 6.18 -38.12
N PHE D 63 38.29 6.62 -38.65
CA PHE D 63 37.07 5.82 -38.66
C PHE D 63 37.02 5.01 -39.95
N SER D 64 36.88 3.70 -39.85
CA SER D 64 36.74 2.87 -41.03
C SER D 64 35.63 1.85 -40.83
N GLY D 65 35.13 1.27 -41.91
CA GLY D 65 34.16 0.20 -41.79
C GLY D 65 34.49 -0.98 -42.69
N SER D 66 34.06 -2.16 -42.29
CA SER D 66 34.24 -3.32 -43.16
C SER D 66 33.04 -4.24 -43.01
N LYS D 67 32.84 -5.11 -44.00
CA LYS D 67 31.72 -6.02 -43.97
C LYS D 67 32.20 -7.42 -44.35
N SER D 68 31.73 -8.43 -43.64
CA SER D 68 32.03 -9.80 -44.01
C SER D 68 30.86 -10.74 -43.73
N GLY D 69 30.27 -11.26 -44.80
CA GLY D 69 29.16 -12.18 -44.67
C GLY D 69 27.96 -11.43 -44.13
N THR D 70 27.42 -11.93 -43.02
CA THR D 70 26.28 -11.29 -42.36
C THR D 70 26.73 -10.45 -41.15
N SER D 71 28.02 -10.09 -41.13
CA SER D 71 28.57 -9.24 -40.07
C SER D 71 29.28 -8.02 -40.62
N ALA D 72 29.45 -7.01 -39.76
CA ALA D 72 30.11 -5.77 -40.14
C ALA D 72 30.87 -5.22 -38.95
N THR D 73 31.89 -4.42 -39.23
CA THR D 73 32.74 -3.90 -38.16
C THR D 73 33.08 -2.43 -38.38
N LEU D 74 33.01 -1.65 -37.31
CA LEU D 74 33.50 -0.26 -37.31
C LEU D 74 34.86 -0.23 -36.62
N GLY D 75 35.82 0.48 -37.20
CA GLY D 75 37.15 0.58 -36.62
C GLY D 75 37.40 2.02 -36.25
N ILE D 76 37.96 2.25 -35.06
CA ILE D 76 38.34 3.60 -34.67
C ILE D 76 39.77 3.58 -34.14
N THR D 77 40.65 4.36 -34.75
CA THR D 77 42.03 4.46 -34.26
C THR D 77 42.35 5.87 -33.78
N GLY D 78 43.47 5.99 -33.07
CA GLY D 78 43.87 7.27 -32.52
C GLY D 78 42.79 7.88 -31.65
N LEU D 79 42.22 7.05 -30.77
CA LEU D 79 41.06 7.45 -29.97
C LEU D 79 41.24 8.76 -29.23
N GLN D 80 40.22 9.62 -29.30
CA GLN D 80 40.23 10.87 -28.56
C GLN D 80 39.13 10.84 -27.51
N THR D 81 39.33 11.53 -26.39
CA THR D 81 38.31 11.57 -25.35
C THR D 81 36.96 12.08 -25.90
N GLY D 82 37.02 12.88 -26.96
CA GLY D 82 35.82 13.35 -27.61
C GLY D 82 35.10 12.31 -28.47
N ASP D 83 35.73 11.16 -28.65
CA ASP D 83 35.10 10.05 -29.37
C ASP D 83 34.14 9.27 -28.49
N GLU D 84 34.13 9.55 -27.19
CA GLU D 84 33.25 8.84 -26.27
C GLU D 84 31.80 9.09 -26.62
N ALA D 85 31.12 8.02 -27.02
CA ALA D 85 29.76 8.13 -27.52
C ALA D 85 29.14 6.77 -27.72
N ASP D 86 27.88 6.79 -28.16
CA ASP D 86 27.18 5.59 -28.57
C ASP D 86 27.36 5.40 -30.07
N TYR D 87 27.62 4.16 -30.48
CA TYR D 87 27.83 3.85 -31.89
C TYR D 87 26.88 2.73 -32.30
N PHE D 88 26.10 2.99 -33.34
CA PHE D 88 25.20 1.95 -33.84
C PHE D 88 25.28 1.74 -35.35
N CYS D 89 25.08 0.50 -35.76
CA CYS D 89 25.06 0.17 -37.17
C CYS D 89 23.63 0.18 -37.67
N ALA D 90 23.47 0.30 -38.99
CA ALA D 90 22.16 0.29 -39.62
C ALA D 90 22.27 -0.35 -40.99
N THR D 91 21.19 -0.98 -41.44
CA THR D 91 21.11 -1.36 -42.84
C THR D 91 19.61 -1.45 -43.15
N TRP D 92 19.24 -2.19 -44.19
CA TRP D 92 17.82 -2.38 -44.42
C TRP D 92 17.48 -3.82 -44.75
N ASP D 93 16.20 -4.15 -44.65
CA ASP D 93 15.73 -5.49 -44.89
C ASP D 93 15.43 -5.68 -46.36
N SER D 94 15.59 -6.92 -46.85
CA SER D 94 15.45 -7.23 -48.27
C SER D 94 14.01 -7.47 -48.69
N GLY D 95 13.10 -7.49 -47.73
CA GLY D 95 11.69 -7.74 -48.03
C GLY D 95 11.01 -6.55 -48.67
N LEU D 96 9.74 -6.71 -49.06
CA LEU D 96 9.04 -5.66 -49.80
C LEU D 96 8.89 -4.34 -49.05
N SER D 97 8.66 -4.41 -47.73
CA SER D 97 8.50 -3.16 -46.98
C SER D 97 9.84 -2.45 -46.76
N ALA D 98 10.94 -3.17 -46.99
CA ALA D 98 12.29 -2.59 -46.94
C ALA D 98 12.58 -1.77 -45.67
N ASP D 99 12.26 -2.33 -44.51
CA ASP D 99 12.51 -1.68 -43.21
C ASP D 99 13.96 -1.21 -43.04
N TRP D 100 14.16 0.01 -42.57
CA TRP D 100 15.47 0.30 -41.94
C TRP D 100 15.59 -0.61 -40.72
N VAL D 101 16.77 -1.18 -40.50
CA VAL D 101 17.04 -1.98 -39.31
C VAL D 101 18.30 -1.49 -38.61
N PHE D 102 18.34 -1.66 -37.28
CA PHE D 102 19.38 -1.03 -36.46
C PHE D 102 19.99 -2.00 -35.46
N GLY D 103 21.27 -1.78 -35.13
CA GLY D 103 21.89 -2.46 -34.00
C GLY D 103 21.43 -1.79 -32.71
N GLY D 104 21.59 -2.47 -31.58
CA GLY D 104 21.19 -1.95 -30.29
C GLY D 104 22.15 -0.91 -29.73
N GLY D 105 23.28 -0.72 -30.40
CA GLY D 105 24.23 0.32 -30.08
C GLY D 105 25.32 -0.16 -29.13
N THR D 106 26.50 0.45 -29.21
CA THR D 106 27.62 0.10 -28.33
C THR D 106 28.11 1.38 -27.65
N LYS D 107 28.17 1.35 -26.32
CA LYS D 107 28.66 2.50 -25.55
C LYS D 107 30.18 2.47 -25.55
N LEU D 108 30.82 3.40 -26.25
CA LEU D 108 32.27 3.51 -26.19
C LEU D 108 32.68 4.49 -25.10
N THR D 109 33.46 4.00 -24.14
CA THR D 109 34.07 4.86 -23.14
C THR D 109 35.55 5.03 -23.50
N VAL D 110 35.98 6.27 -23.64
CA VAL D 110 37.40 6.53 -23.83
C VAL D 110 37.91 6.90 -22.44
N LEU D 111 38.71 6.00 -21.87
CA LEU D 111 39.15 6.10 -20.48
C LEU D 111 39.75 7.47 -20.18
N SER D 112 39.22 8.14 -19.17
CA SER D 112 39.65 9.51 -18.85
C SER D 112 39.79 9.73 -17.35
N GLN D 113 39.72 8.64 -16.60
CA GLN D 113 39.94 8.63 -15.16
C GLN D 113 40.19 7.18 -14.76
N PRO D 114 40.75 6.93 -13.56
CA PRO D 114 41.07 5.54 -13.21
C PRO D 114 39.84 4.64 -13.14
N LYS D 115 40.03 3.36 -13.47
CA LYS D 115 39.00 2.34 -13.31
C LYS D 115 38.58 2.29 -11.85
N ALA D 116 37.28 2.16 -11.61
CA ALA D 116 36.77 2.08 -10.25
C ALA D 116 35.76 0.95 -10.15
N ALA D 117 36.04 -0.01 -9.28
CA ALA D 117 35.13 -1.12 -9.05
C ALA D 117 33.87 -0.65 -8.32
N PRO D 118 32.73 -1.33 -8.56
CA PRO D 118 31.47 -0.88 -7.98
C PRO D 118 31.37 -1.17 -6.49
N SER D 119 30.70 -0.27 -5.79
CA SER D 119 30.26 -0.52 -4.42
C SER D 119 28.86 -1.12 -4.49
N VAL D 120 28.68 -2.27 -3.86
CA VAL D 120 27.41 -3.01 -3.92
C VAL D 120 26.77 -3.15 -2.54
N THR D 121 25.52 -2.75 -2.40
CA THR D 121 24.77 -2.98 -1.17
C THR D 121 23.48 -3.74 -1.49
N LEU D 122 23.24 -4.83 -0.78
CA LEU D 122 22.08 -5.67 -1.03
C LEU D 122 21.13 -5.63 0.17
N PHE D 123 19.92 -5.13 -0.05
CA PHE D 123 18.91 -5.04 1.00
C PHE D 123 17.92 -6.20 0.90
N PRO D 124 17.70 -6.90 2.03
CA PRO D 124 16.71 -7.98 2.10
C PRO D 124 15.31 -7.38 2.16
N PRO D 125 14.26 -8.20 2.04
CA PRO D 125 12.93 -7.61 2.15
C PRO D 125 12.72 -7.03 3.56
N SER D 126 11.99 -5.93 3.65
CA SER D 126 11.65 -5.37 4.96
C SER D 126 10.45 -6.14 5.54
N SER D 127 10.34 -6.17 6.87
CA SER D 127 9.26 -6.92 7.51
C SER D 127 7.90 -6.29 7.16
N GLU D 128 7.91 -4.99 6.89
CA GLU D 128 6.70 -4.31 6.43
C GLU D 128 6.23 -4.88 5.10
N GLU D 129 7.16 -5.06 4.17
CA GLU D 129 6.80 -5.59 2.87
C GLU D 129 6.35 -7.04 2.99
N LEU D 130 7.06 -7.82 3.79
CA LEU D 130 6.68 -9.20 4.02
C LEU D 130 5.27 -9.28 4.64
N GLN D 131 4.95 -8.33 5.50
CA GLN D 131 3.63 -8.28 6.12
C GLN D 131 2.57 -7.97 5.06
N ALA D 132 3.00 -7.28 4.00
CA ALA D 132 2.09 -6.96 2.91
C ALA D 132 2.08 -8.08 1.88
N ASN D 133 2.67 -9.21 2.25
CA ASN D 133 2.69 -10.43 1.45
C ASN D 133 3.61 -10.37 0.21
N LYS D 134 4.59 -9.48 0.25
CA LYS D 134 5.51 -9.32 -0.87
C LYS D 134 6.96 -9.41 -0.41
N ALA D 135 7.87 -9.65 -1.35
CA ALA D 135 9.29 -9.67 -1.02
C ALA D 135 10.09 -9.12 -2.19
N THR D 136 10.84 -8.06 -1.92
CA THR D 136 11.72 -7.50 -2.94
C THR D 136 13.12 -7.38 -2.40
N LEU D 137 14.08 -7.95 -3.13
CA LEU D 137 15.50 -7.78 -2.79
C LEU D 137 16.02 -6.63 -3.65
N VAL D 138 16.76 -5.70 -3.05
CA VAL D 138 17.21 -4.52 -3.75
C VAL D 138 18.74 -4.43 -3.75
N CYS D 139 19.33 -4.43 -4.93
CA CYS D 139 20.78 -4.43 -5.08
C CYS D 139 21.18 -3.10 -5.68
N LEU D 140 21.82 -2.26 -4.87
CA LEU D 140 22.22 -0.93 -5.31
C LEU D 140 23.72 -0.95 -5.61
N ILE D 141 24.08 -0.46 -6.79
CA ILE D 141 25.45 -0.52 -7.29
C ILE D 141 25.95 0.91 -7.59
N SER D 142 27.07 1.31 -7.01
CA SER D 142 27.48 2.70 -7.18
C SER D 142 28.98 2.90 -7.38
N ASP D 143 29.33 4.10 -7.84
CA ASP D 143 30.72 4.54 -7.95
C ASP D 143 31.60 3.67 -8.85
N PHE D 144 31.03 3.17 -9.94
CA PHE D 144 31.85 2.41 -10.87
C PHE D 144 32.25 3.19 -12.14
N TYR D 145 33.37 2.78 -12.71
CA TYR D 145 33.88 3.38 -13.95
C TYR D 145 34.80 2.38 -14.62
N PRO D 146 34.60 2.12 -15.92
CA PRO D 146 33.60 2.73 -16.80
C PRO D 146 32.16 2.29 -16.46
N GLY D 147 31.18 2.96 -17.07
CA GLY D 147 29.78 2.77 -16.69
C GLY D 147 29.09 1.59 -17.33
N ALA D 148 29.66 0.39 -17.18
CA ALA D 148 29.04 -0.83 -17.70
C ALA D 148 29.20 -1.97 -16.72
N VAL D 149 28.10 -2.64 -16.40
CA VAL D 149 28.14 -3.81 -15.53
C VAL D 149 27.18 -4.87 -16.02
N THR D 150 27.37 -6.09 -15.55
CA THR D 150 26.36 -7.14 -15.75
C THR D 150 25.98 -7.67 -14.38
N VAL D 151 24.69 -7.88 -14.18
CA VAL D 151 24.20 -8.34 -12.87
C VAL D 151 23.59 -9.73 -12.99
N ALA D 152 23.96 -10.63 -12.08
CA ALA D 152 23.37 -11.96 -12.00
C ALA D 152 22.87 -12.20 -10.58
N TRP D 153 21.77 -12.92 -10.46
CA TRP D 153 21.21 -13.24 -9.15
C TRP D 153 21.29 -14.74 -8.83
N LYS D 154 21.45 -15.06 -7.57
CA LYS D 154 21.52 -16.46 -7.15
C LYS D 154 20.56 -16.74 -5.98
N ALA D 155 19.91 -17.90 -6.05
CA ALA D 155 19.20 -18.45 -4.91
C ALA D 155 20.06 -19.56 -4.36
N ASP D 156 20.49 -19.42 -3.11
CA ASP D 156 21.51 -20.28 -2.53
C ASP D 156 22.79 -20.25 -3.37
N SER D 157 22.85 -21.10 -4.39
CA SER D 157 24.00 -21.12 -5.28
C SER D 157 23.66 -21.36 -6.76
N SER D 158 22.36 -21.31 -7.09
CA SER D 158 21.96 -21.53 -8.48
C SER D 158 21.36 -20.26 -9.10
N PRO D 159 21.59 -20.05 -10.40
CA PRO D 159 21.14 -18.84 -11.10
C PRO D 159 19.63 -18.62 -10.98
N VAL D 160 19.22 -17.37 -10.92
CA VAL D 160 17.81 -17.01 -10.92
C VAL D 160 17.61 -15.95 -12.01
N LYS D 161 16.62 -16.17 -12.86
CA LYS D 161 16.34 -15.22 -13.94
C LYS D 161 14.96 -14.57 -13.85
N ALA D 162 13.96 -15.36 -13.46
CA ALA D 162 12.60 -14.85 -13.31
C ALA D 162 12.56 -13.80 -12.20
N GLY D 163 11.74 -12.77 -12.38
CA GLY D 163 11.53 -11.78 -11.35
C GLY D 163 12.64 -10.76 -11.21
N VAL D 164 13.51 -10.66 -12.21
CA VAL D 164 14.64 -9.74 -12.16
C VAL D 164 14.43 -8.52 -13.06
N GLU D 165 14.57 -7.32 -12.48
CA GLU D 165 14.58 -6.10 -13.27
C GLU D 165 15.84 -5.28 -12.95
N THR D 166 16.46 -4.71 -13.97
CA THR D 166 17.73 -3.99 -13.80
C THR D 166 17.72 -2.67 -14.56
N THR D 167 18.19 -1.60 -13.93
CA THR D 167 18.22 -0.28 -14.55
C THR D 167 19.55 -0.06 -15.28
N THR D 168 19.53 0.72 -16.35
CA THR D 168 20.77 0.98 -17.09
C THR D 168 21.59 2.03 -16.35
N PRO D 169 22.91 1.86 -16.34
CA PRO D 169 23.77 2.73 -15.54
C PRO D 169 23.65 4.19 -15.94
N SER D 170 23.52 5.05 -14.95
CA SER D 170 23.40 6.48 -15.21
C SER D 170 24.57 7.19 -14.55
N LYS D 171 24.98 8.30 -15.15
CA LYS D 171 26.16 9.01 -14.69
C LYS D 171 25.88 9.80 -13.42
N GLN D 172 26.66 9.55 -12.37
CA GLN D 172 26.55 10.30 -11.14
C GLN D 172 27.23 11.64 -11.31
N SER D 173 27.13 12.50 -10.28
CA SER D 173 27.76 13.81 -10.33
C SER D 173 29.29 13.74 -10.37
N ASN D 174 29.86 12.66 -9.83
CA ASN D 174 31.32 12.53 -9.82
C ASN D 174 31.88 11.85 -11.07
N ASN D 175 31.08 11.80 -12.13
CA ASN D 175 31.46 11.13 -13.38
C ASN D 175 31.65 9.62 -13.28
N LYS D 176 31.41 9.08 -12.10
CA LYS D 176 31.27 7.64 -11.95
C LYS D 176 29.80 7.28 -12.19
N TYR D 177 29.49 5.99 -12.16
CA TYR D 177 28.15 5.53 -12.52
C TYR D 177 27.49 4.72 -11.41
N ALA D 178 26.16 4.61 -11.49
CA ALA D 178 25.39 3.80 -10.54
C ALA D 178 24.29 3.05 -11.28
N ALA D 179 23.90 1.90 -10.75
CA ALA D 179 22.78 1.12 -11.29
C ALA D 179 22.05 0.42 -10.15
N SER D 180 20.90 -0.18 -10.45
CA SER D 180 20.16 -0.91 -9.44
C SER D 180 19.52 -2.13 -10.06
N SER D 181 19.38 -3.18 -9.27
CA SER D 181 18.67 -4.38 -9.73
C SER D 181 17.73 -4.88 -8.63
N TYR D 182 16.64 -5.48 -9.06
CA TYR D 182 15.61 -5.95 -8.13
C TYR D 182 15.30 -7.42 -8.40
N LEU D 183 15.12 -8.19 -7.34
CA LEU D 183 14.60 -9.54 -7.48
C LEU D 183 13.30 -9.66 -6.70
N SER D 184 12.21 -9.92 -7.40
CA SER D 184 10.90 -10.07 -6.76
C SER D 184 10.68 -11.52 -6.38
N LEU D 185 10.16 -11.74 -5.17
CA LEU D 185 9.93 -13.08 -4.66
C LEU D 185 8.60 -13.13 -3.91
N THR D 186 8.13 -14.33 -3.64
CA THR D 186 7.07 -14.52 -2.66
C THR D 186 7.76 -14.61 -1.32
N PRO D 187 7.06 -14.22 -0.23
CA PRO D 187 7.60 -14.44 1.11
C PRO D 187 7.98 -15.90 1.30
N GLU D 188 7.25 -16.79 0.64
CA GLU D 188 7.49 -18.23 0.70
C GLU D 188 8.85 -18.60 0.13
N GLN D 189 9.16 -18.10 -1.06
CA GLN D 189 10.47 -18.34 -1.67
C GLN D 189 11.59 -17.80 -0.80
N TRP D 190 11.41 -16.56 -0.33
CA TRP D 190 12.39 -15.89 0.51
C TRP D 190 12.75 -16.69 1.75
N LYS D 191 11.73 -17.15 2.47
CA LYS D 191 11.94 -17.88 3.72
C LYS D 191 12.56 -19.27 3.53
N SER D 192 12.32 -19.89 2.39
CA SER D 192 12.70 -21.28 2.17
C SER D 192 14.19 -21.48 1.89
N HIS D 193 14.79 -20.60 1.10
CA HIS D 193 16.19 -20.75 0.73
C HIS D 193 17.14 -20.28 1.84
N ARG D 194 18.36 -20.81 1.83
CA ARG D 194 19.36 -20.43 2.83
C ARG D 194 19.75 -18.97 2.67
N SER D 195 19.90 -18.55 1.42
CA SER D 195 20.37 -17.21 1.11
C SER D 195 20.14 -16.83 -0.34
N TYR D 196 20.23 -15.52 -0.61
CA TYR D 196 20.17 -15.01 -1.97
C TYR D 196 21.37 -14.11 -2.24
N SER D 197 21.81 -14.05 -3.49
CA SER D 197 23.00 -13.28 -3.83
C SER D 197 22.83 -12.37 -5.05
N CYS D 198 23.45 -11.20 -4.97
CA CYS D 198 23.55 -10.29 -6.10
C CYS D 198 25.01 -10.23 -6.54
N GLN D 199 25.28 -10.70 -7.76
CA GLN D 199 26.63 -10.67 -8.31
C GLN D 199 26.77 -9.60 -9.40
N VAL D 200 27.75 -8.72 -9.22
CA VAL D 200 27.97 -7.61 -10.13
C VAL D 200 29.35 -7.72 -10.78
N THR D 201 29.37 -7.91 -12.09
CA THR D 201 30.63 -8.06 -12.82
C THR D 201 30.98 -6.77 -13.52
N HIS D 202 32.18 -6.27 -13.25
CA HIS D 202 32.62 -5.02 -13.84
C HIS D 202 34.06 -5.14 -14.32
N GLU D 203 34.28 -4.83 -15.60
CA GLU D 203 35.62 -4.91 -16.18
C GLU D 203 36.31 -6.22 -15.82
N GLY D 204 35.55 -7.32 -15.91
CA GLY D 204 36.11 -8.64 -15.70
C GLY D 204 36.18 -9.11 -14.26
N SER D 205 35.73 -8.29 -13.32
CA SER D 205 35.74 -8.69 -11.91
C SER D 205 34.34 -8.65 -11.30
N THR D 206 34.05 -9.63 -10.44
CA THR D 206 32.73 -9.77 -9.88
C THR D 206 32.66 -9.50 -8.37
N VAL D 207 31.76 -8.60 -7.98
CA VAL D 207 31.53 -8.30 -6.57
C VAL D 207 30.20 -8.91 -6.14
N GLU D 208 30.24 -9.73 -5.09
CA GLU D 208 29.05 -10.43 -4.63
C GLU D 208 28.65 -9.96 -3.23
N LYS D 209 27.34 -9.76 -3.04
CA LYS D 209 26.78 -9.57 -1.70
C LYS D 209 25.71 -10.61 -1.48
N THR D 210 25.53 -11.04 -0.22
CA THR D 210 24.57 -12.09 0.09
C THR D 210 23.74 -11.75 1.32
N VAL D 211 22.44 -12.03 1.25
CA VAL D 211 21.53 -11.83 2.37
C VAL D 211 20.80 -13.13 2.68
N ALA D 212 20.36 -13.28 3.93
CA ALA D 212 19.69 -14.49 4.37
C ALA D 212 18.58 -14.17 5.36
N PRO D 213 17.50 -14.95 5.34
CA PRO D 213 16.49 -14.83 6.41
C PRO D 213 17.14 -15.23 7.72
N THR D 214 17.79 -14.27 8.37
CA THR D 214 18.61 -14.52 9.55
C THR D 214 17.80 -15.01 10.73
N GLU E 1 17.21 26.99 -39.74
CA GLU E 1 17.86 25.80 -39.19
C GLU E 1 16.96 24.57 -39.32
N VAL E 2 17.55 23.43 -39.64
CA VAL E 2 16.79 22.21 -39.88
C VAL E 2 16.25 21.59 -38.59
N GLN E 3 14.95 21.34 -38.56
CA GLN E 3 14.32 20.81 -37.36
C GLN E 3 13.13 19.91 -37.66
N LEU E 4 13.01 18.85 -36.87
CA LEU E 4 11.81 18.04 -36.84
C LEU E 4 11.33 18.00 -35.40
N VAL E 5 10.07 18.36 -35.19
CA VAL E 5 9.52 18.41 -33.83
C VAL E 5 8.23 17.62 -33.71
N GLU E 6 8.26 16.56 -32.90
CA GLU E 6 7.10 15.70 -32.72
C GLU E 6 6.24 16.14 -31.55
N SER E 7 4.95 15.87 -31.65
CA SER E 7 4.03 16.09 -30.53
C SER E 7 2.86 15.10 -30.60
N GLY E 8 2.07 15.03 -29.54
CA GLY E 8 0.89 14.19 -29.52
C GLY E 8 1.02 12.96 -28.64
N GLY E 9 2.21 12.73 -28.09
CA GLY E 9 2.42 11.59 -27.23
C GLY E 9 1.54 11.67 -26.00
N GLY E 10 1.25 10.53 -25.37
CA GLY E 10 0.39 10.52 -24.21
C GLY E 10 0.17 9.13 -23.66
N LEU E 11 -0.70 9.03 -22.66
CA LEU E 11 -1.05 7.74 -22.08
C LEU E 11 -2.36 7.28 -22.66
N VAL E 12 -2.42 6.01 -23.06
CA VAL E 12 -3.61 5.48 -23.71
C VAL E 12 -3.84 4.04 -23.25
N LYS E 13 -5.10 3.61 -23.21
CA LYS E 13 -5.44 2.24 -22.85
C LYS E 13 -5.23 1.33 -24.06
N PRO E 14 -4.90 0.05 -23.83
CA PRO E 14 -4.84 -0.90 -24.95
C PRO E 14 -6.15 -0.89 -25.72
N GLY E 15 -6.05 -1.08 -27.04
CA GLY E 15 -7.21 -0.97 -27.91
C GLY E 15 -7.54 0.47 -28.29
N GLY E 16 -6.91 1.41 -27.61
CA GLY E 16 -7.14 2.83 -27.88
C GLY E 16 -6.45 3.34 -29.13
N SER E 17 -6.66 4.63 -29.40
CA SER E 17 -6.10 5.30 -30.58
C SER E 17 -5.35 6.55 -30.16
N LEU E 18 -4.45 7.00 -31.02
CA LEU E 18 -3.67 8.21 -30.74
C LEU E 18 -3.06 8.68 -32.05
N ARG E 19 -2.97 9.99 -32.23
CA ARG E 19 -2.35 10.55 -33.43
C ARG E 19 -1.11 11.38 -33.10
N LEU E 20 0.01 11.07 -33.76
CA LEU E 20 1.21 11.87 -33.57
C LEU E 20 1.42 12.81 -34.75
N THR E 21 1.97 13.98 -34.47
CA THR E 21 2.32 14.91 -35.53
C THR E 21 3.81 15.20 -35.45
N CYS E 22 4.41 15.47 -36.61
CA CYS E 22 5.80 15.85 -36.69
C CYS E 22 5.87 17.06 -37.62
N VAL E 23 6.34 18.19 -37.11
CA VAL E 23 6.40 19.41 -37.91
C VAL E 23 7.83 19.70 -38.34
N ALA E 24 8.00 19.92 -39.63
CA ALA E 24 9.33 20.18 -40.18
C ALA E 24 9.55 21.66 -40.45
N SER E 25 10.78 22.11 -40.30
CA SER E 25 11.13 23.48 -40.65
C SER E 25 12.60 23.56 -41.02
N GLY E 26 12.94 24.53 -41.86
CA GLY E 26 14.33 24.76 -42.23
C GLY E 26 14.80 24.03 -43.47
N PHE E 27 13.88 23.33 -44.13
CA PHE E 27 14.21 22.64 -45.38
C PHE E 27 12.97 22.38 -46.22
N THR E 28 13.19 21.91 -47.45
CA THR E 28 12.10 21.60 -48.36
C THR E 28 11.48 20.24 -48.02
N PHE E 29 10.38 20.27 -47.28
CA PHE E 29 9.71 19.08 -46.77
C PHE E 29 9.24 18.14 -47.88
N SER E 30 8.71 18.73 -48.95
CA SER E 30 8.08 17.93 -50.01
C SER E 30 9.06 17.08 -50.82
N ASP E 31 10.35 17.38 -50.74
CA ASP E 31 11.32 16.63 -51.54
C ASP E 31 11.91 15.39 -50.85
N VAL E 32 11.60 15.20 -49.57
CA VAL E 32 12.22 14.11 -48.82
C VAL E 32 11.23 13.00 -48.49
N TRP E 33 11.76 11.78 -48.37
CA TRP E 33 11.01 10.68 -47.77
C TRP E 33 11.09 10.86 -46.26
N LEU E 34 10.03 10.47 -45.55
CA LEU E 34 10.02 10.51 -44.08
C LEU E 34 9.79 9.14 -43.46
N ASN E 35 10.37 8.93 -42.28
CA ASN E 35 10.21 7.70 -41.53
C ASN E 35 9.65 8.02 -40.16
N TRP E 36 8.94 7.05 -39.58
CA TRP E 36 8.72 7.05 -38.15
C TRP E 36 9.58 5.93 -37.59
N VAL E 37 10.22 6.18 -36.46
CA VAL E 37 10.92 5.12 -35.73
C VAL E 37 10.50 5.16 -34.28
N ARG E 38 10.85 4.13 -33.52
CA ARG E 38 10.48 4.11 -32.10
C ARG E 38 11.50 3.36 -31.26
N GLN E 39 11.58 3.72 -29.99
CA GLN E 39 12.52 3.04 -29.11
C GLN E 39 11.86 2.79 -27.76
N ALA E 40 11.71 1.51 -27.43
CA ALA E 40 11.08 1.12 -26.18
C ALA E 40 12.13 1.16 -25.08
N PRO E 41 11.70 1.35 -23.83
CA PRO E 41 12.64 1.51 -22.71
C PRO E 41 13.63 0.37 -22.63
N GLY E 42 14.92 0.69 -22.60
CA GLY E 42 15.98 -0.30 -22.54
C GLY E 42 16.17 -1.16 -23.78
N LYS E 43 15.57 -0.76 -24.91
CA LYS E 43 15.71 -1.53 -26.14
C LYS E 43 16.26 -0.68 -27.28
N GLY E 44 16.53 -1.32 -28.40
CA GLY E 44 17.10 -0.62 -29.56
C GLY E 44 16.05 0.00 -30.46
N LEU E 45 16.50 0.81 -31.41
CA LEU E 45 15.60 1.51 -32.32
C LEU E 45 14.91 0.53 -33.28
N GLU E 46 13.63 0.77 -33.52
CA GLU E 46 12.84 -0.01 -34.47
C GLU E 46 12.15 0.91 -35.45
N TRP E 47 12.27 0.60 -36.74
CA TRP E 47 11.58 1.39 -37.76
C TRP E 47 10.10 1.03 -37.76
N VAL E 48 9.25 2.04 -37.86
CA VAL E 48 7.80 1.87 -37.87
C VAL E 48 7.22 1.91 -39.28
N GLY E 49 7.70 2.84 -40.09
CA GLY E 49 7.20 2.96 -41.46
C GLY E 49 7.77 4.17 -42.17
N ARG E 50 7.49 4.29 -43.46
CA ARG E 50 7.94 5.43 -44.25
C ARG E 50 6.78 5.96 -45.06
N ILE E 51 6.90 7.21 -45.48
CA ILE E 51 6.08 7.70 -46.58
C ILE E 51 7.01 8.38 -47.60
N LYS E 52 6.81 8.04 -48.87
CA LYS E 52 7.66 8.55 -49.92
C LYS E 52 7.24 9.98 -50.27
N SER E 53 8.12 10.69 -50.96
CA SER E 53 7.74 11.98 -51.50
C SER E 53 6.65 11.84 -52.57
N ARG E 54 5.96 12.94 -52.86
CA ARG E 54 4.92 12.93 -53.89
C ARG E 54 5.49 12.57 -55.27
N THR E 55 6.67 13.08 -55.60
CA THR E 55 7.31 12.73 -56.87
C THR E 55 7.54 11.24 -57.00
N ASP E 56 7.84 10.59 -55.88
CA ASP E 56 8.08 9.15 -55.87
C ASP E 56 6.83 8.34 -55.55
N GLY E 57 5.66 8.96 -55.65
CA GLY E 57 4.41 8.24 -55.52
C GLY E 57 3.68 8.39 -54.19
N GLY E 58 4.34 8.96 -53.19
CA GLY E 58 3.70 9.23 -51.91
C GLY E 58 3.19 7.99 -51.18
N THR E 59 3.70 6.83 -51.57
CA THR E 59 3.23 5.58 -50.98
C THR E 59 3.86 5.32 -49.62
N THR E 60 3.25 4.43 -48.85
CA THR E 60 3.70 4.10 -47.50
C THR E 60 4.16 2.65 -47.40
N ASP E 61 5.13 2.38 -46.52
CA ASP E 61 5.52 1.03 -46.14
C ASP E 61 5.47 0.96 -44.62
N TYR E 62 5.15 -0.21 -44.08
CA TYR E 62 5.05 -0.40 -42.63
C TYR E 62 5.81 -1.61 -42.14
N ALA E 63 6.33 -1.53 -40.92
CA ALA E 63 6.89 -2.71 -40.27
C ALA E 63 5.78 -3.75 -40.03
N ALA E 64 6.15 -5.03 -40.08
CA ALA E 64 5.18 -6.10 -39.89
C ALA E 64 4.43 -6.01 -38.57
N SER E 65 5.11 -5.51 -37.53
CA SER E 65 4.52 -5.36 -36.20
C SER E 65 3.38 -4.33 -36.10
N VAL E 66 3.27 -3.44 -37.08
CA VAL E 66 2.25 -2.38 -37.02
C VAL E 66 1.29 -2.35 -38.21
N LYS E 67 1.53 -3.18 -39.22
CA LYS E 67 0.69 -3.18 -40.41
C LYS E 67 -0.76 -3.49 -40.03
N GLY E 68 -1.68 -2.70 -40.60
CA GLY E 68 -3.09 -2.86 -40.34
C GLY E 68 -3.57 -2.09 -39.12
N ARG E 69 -2.63 -1.59 -38.32
CA ARG E 69 -3.00 -0.81 -37.13
C ARG E 69 -2.63 0.67 -37.23
N PHE E 70 -1.47 0.95 -37.84
CA PHE E 70 -0.91 2.30 -37.92
C PHE E 70 -1.04 2.82 -39.36
N THR E 71 -1.29 4.11 -39.51
CA THR E 71 -1.35 4.78 -40.82
C THR E 71 -0.51 6.05 -40.84
N ILE E 72 0.36 6.17 -41.83
CA ILE E 72 1.20 7.36 -42.02
C ILE E 72 0.63 8.20 -43.14
N SER E 73 0.62 9.52 -42.95
CA SER E 73 0.22 10.44 -44.01
C SER E 73 1.05 11.71 -43.91
N ARG E 74 1.05 12.52 -44.96
CA ARG E 74 1.77 13.78 -44.92
C ARG E 74 0.90 14.90 -45.50
N ASP E 75 1.14 16.12 -45.01
CA ASP E 75 0.50 17.32 -45.55
C ASP E 75 1.60 18.30 -45.92
N ASP E 76 1.98 18.30 -47.20
CA ASP E 76 3.15 19.06 -47.63
C ASP E 76 2.94 20.56 -47.48
N SER E 77 1.68 20.99 -47.54
CA SER E 77 1.35 22.41 -47.41
C SER E 77 1.51 22.89 -45.97
N LYS E 78 1.50 21.93 -45.03
CA LYS E 78 1.68 22.26 -43.61
C LYS E 78 3.02 21.79 -43.06
N ASN E 79 3.88 21.28 -43.94
CA ASN E 79 5.17 20.71 -43.53
C ASN E 79 5.02 19.72 -42.39
N THR E 80 3.93 18.95 -42.39
CA THR E 80 3.62 18.05 -41.28
C THR E 80 3.51 16.59 -41.71
N LEU E 81 4.07 15.71 -40.87
CA LEU E 81 3.95 14.27 -41.00
C LEU E 81 3.03 13.77 -39.88
N TYR E 82 2.21 12.77 -40.18
CA TYR E 82 1.31 12.20 -39.19
C TYR E 82 1.54 10.71 -38.99
N LEU E 83 1.28 10.24 -37.78
CA LEU E 83 1.16 8.81 -37.51
C LEU E 83 -0.13 8.57 -36.76
N GLN E 84 -1.07 7.89 -37.42
CA GLN E 84 -2.34 7.54 -36.79
C GLN E 84 -2.21 6.12 -36.28
N MET E 85 -2.28 5.96 -34.97
CA MET E 85 -2.12 4.67 -34.33
C MET E 85 -3.47 4.19 -33.82
N ASN E 86 -3.88 3.02 -34.27
CA ASN E 86 -5.12 2.40 -33.80
C ASN E 86 -4.83 1.04 -33.17
N SER E 87 -5.80 0.52 -32.41
CA SER E 87 -5.68 -0.79 -31.80
C SER E 87 -4.36 -0.94 -31.04
N LEU E 88 -4.06 0.06 -30.22
CA LEU E 88 -2.78 0.11 -29.52
C LEU E 88 -2.62 -1.05 -28.54
N LYS E 89 -1.39 -1.53 -28.43
CA LYS E 89 -1.02 -2.64 -27.57
C LYS E 89 0.04 -2.13 -26.62
N THR E 90 0.16 -2.78 -25.45
CA THR E 90 1.15 -2.36 -24.47
C THR E 90 2.54 -2.35 -25.08
N GLU E 91 2.82 -3.30 -25.97
CA GLU E 91 4.16 -3.33 -26.57
C GLU E 91 4.42 -2.20 -27.58
N ASP E 92 3.45 -1.32 -27.80
CA ASP E 92 3.67 -0.12 -28.61
C ASP E 92 4.26 1.03 -27.76
N THR E 93 4.39 0.79 -26.46
CA THR E 93 4.98 1.78 -25.57
C THR E 93 6.42 2.06 -25.97
N ALA E 94 6.72 3.33 -26.27
CA ALA E 94 8.03 3.72 -26.76
C ALA E 94 8.11 5.23 -26.95
N VAL E 95 9.32 5.73 -27.16
CA VAL E 95 9.49 7.07 -27.67
C VAL E 95 9.45 7.00 -29.21
N TYR E 96 8.54 7.75 -29.82
CA TYR E 96 8.41 7.77 -31.27
C TYR E 96 9.06 9.01 -31.83
N SER E 97 9.88 8.84 -32.86
CA SER E 97 10.53 9.95 -33.53
C SER E 97 10.31 9.88 -35.03
N CYS E 98 10.35 11.04 -35.66
CA CYS E 98 10.38 11.10 -37.11
C CYS E 98 11.78 11.44 -37.60
N THR E 99 12.10 11.02 -38.81
CA THR E 99 13.40 11.26 -39.42
C THR E 99 13.17 11.50 -40.90
N THR E 100 14.15 12.09 -41.58
CA THR E 100 14.12 12.15 -43.04
C THR E 100 15.12 11.17 -43.61
N ASP E 101 14.93 10.81 -44.89
CA ASP E 101 15.96 10.13 -45.65
C ASP E 101 16.77 11.24 -46.34
N GLY E 102 18.08 11.21 -46.19
CA GLY E 102 18.95 12.07 -46.99
C GLY E 102 19.85 11.21 -47.85
N PHE E 103 20.78 11.83 -48.58
CA PHE E 103 21.68 11.06 -49.42
C PHE E 103 23.06 11.69 -49.54
N ILE E 104 24.04 10.87 -49.87
CA ILE E 104 25.34 11.35 -50.27
C ILE E 104 25.51 10.96 -51.73
N MET E 105 25.78 11.96 -52.58
CA MET E 105 25.95 11.74 -54.01
C MET E 105 27.42 11.63 -54.40
N ILE E 106 27.75 10.59 -55.13
CA ILE E 106 29.10 10.39 -55.63
C ILE E 106 29.09 10.41 -57.16
N ARG E 107 29.91 11.25 -57.76
CA ARG E 107 29.97 11.29 -59.21
C ARG E 107 30.86 10.19 -59.77
N GLY E 108 30.32 9.42 -60.70
CA GLY E 108 31.09 8.41 -61.39
C GLY E 108 31.37 8.88 -62.80
N VAL E 109 32.06 8.05 -63.58
CA VAL E 109 32.39 8.40 -64.96
C VAL E 109 31.15 8.72 -65.78
N SER E 110 30.22 7.77 -65.82
CA SER E 110 29.01 7.92 -66.62
C SER E 110 27.76 8.13 -65.77
N GLU E 111 27.66 7.41 -64.67
CA GLU E 111 26.50 7.53 -63.78
C GLU E 111 26.86 8.21 -62.46
N ASP E 112 25.86 8.80 -61.81
CA ASP E 112 26.03 9.29 -60.45
C ASP E 112 25.43 8.30 -59.46
N TYR E 113 26.00 8.23 -58.26
CA TYR E 113 25.55 7.27 -57.25
C TYR E 113 25.00 8.00 -56.03
N TYR E 114 23.83 7.56 -55.55
CA TYR E 114 23.16 8.16 -54.43
C TYR E 114 23.02 7.14 -53.33
N TYR E 115 23.64 7.40 -52.19
CA TYR E 115 23.59 6.47 -51.08
C TYR E 115 22.70 7.08 -50.01
N TYR E 116 21.62 6.39 -49.65
CA TYR E 116 20.62 6.98 -48.75
C TYR E 116 20.87 6.60 -47.30
N TYR E 117 20.38 7.44 -46.41
CA TYR E 117 20.57 7.27 -44.98
C TYR E 117 19.59 8.15 -44.22
N MET E 118 19.33 7.78 -42.97
CA MET E 118 18.49 8.58 -42.11
C MET E 118 19.32 9.78 -41.65
N ASP E 119 18.84 10.96 -42.01
CA ASP E 119 19.64 12.17 -42.01
C ASP E 119 19.22 13.11 -40.87
N VAL E 120 18.04 13.71 -40.99
CA VAL E 120 17.53 14.62 -39.96
C VAL E 120 16.70 13.83 -38.95
N TRP E 121 16.95 14.03 -37.66
CA TRP E 121 16.22 13.27 -36.64
C TRP E 121 15.47 14.21 -35.73
N GLY E 122 14.22 13.86 -35.43
CA GLY E 122 13.42 14.60 -34.47
C GLY E 122 13.81 14.35 -33.02
N LYS E 123 13.07 14.96 -32.10
CA LYS E 123 13.42 14.93 -30.70
C LYS E 123 12.64 13.86 -29.91
N GLY E 124 11.56 13.36 -30.51
CA GLY E 124 10.81 12.25 -29.94
C GLY E 124 9.60 12.70 -29.16
N THR E 125 8.57 11.86 -29.14
CA THR E 125 7.41 12.08 -28.28
C THR E 125 7.07 10.74 -27.59
N THR E 126 6.70 10.77 -26.31
CA THR E 126 6.52 9.53 -25.56
C THR E 126 5.09 8.97 -25.60
N VAL E 127 4.98 7.70 -25.95
CA VAL E 127 3.69 7.02 -25.98
C VAL E 127 3.71 5.92 -24.93
N THR E 128 2.73 5.93 -24.03
CA THR E 128 2.60 4.87 -23.04
C THR E 128 1.25 4.21 -23.20
N VAL E 129 1.26 2.89 -23.35
CA VAL E 129 0.04 2.13 -23.51
C VAL E 129 -0.06 1.18 -22.33
N SER E 130 -1.07 1.37 -21.50
CA SER E 130 -1.20 0.60 -20.28
C SER E 130 -2.65 0.57 -19.81
N SER E 131 -3.04 -0.54 -19.21
CA SER E 131 -4.39 -0.63 -18.66
C SER E 131 -4.39 -0.21 -17.18
N ALA E 132 -3.24 0.20 -16.66
CA ALA E 132 -3.14 0.55 -15.24
C ALA E 132 -3.94 1.80 -14.86
N SER E 133 -4.48 1.80 -13.66
CA SER E 133 -5.12 2.97 -13.09
C SER E 133 -4.10 3.71 -12.24
N THR E 134 -4.32 5.01 -12.07
CA THR E 134 -3.47 5.84 -11.23
C THR E 134 -3.46 5.28 -9.82
N LYS E 135 -2.26 5.16 -9.25
CA LYS E 135 -2.09 4.56 -7.94
C LYS E 135 -0.83 5.11 -7.27
N GLY E 136 -0.98 5.56 -6.03
CA GLY E 136 0.14 6.04 -5.25
C GLY E 136 1.02 4.92 -4.75
N PRO E 137 2.28 5.24 -4.43
CA PRO E 137 3.23 4.21 -4.06
C PRO E 137 3.10 3.76 -2.61
N SER E 138 3.50 2.52 -2.35
CA SER E 138 3.78 2.09 -0.98
C SER E 138 5.26 2.38 -0.76
N VAL E 139 5.64 2.79 0.44
CA VAL E 139 7.03 3.15 0.68
C VAL E 139 7.60 2.26 1.78
N PHE E 140 8.66 1.54 1.46
CA PHE E 140 9.25 0.60 2.39
C PHE E 140 10.67 1.02 2.72
N PRO E 141 11.08 0.82 3.98
CA PRO E 141 12.44 1.22 4.37
C PRO E 141 13.46 0.20 3.91
N LEU E 142 14.64 0.68 3.55
CA LEU E 142 15.77 -0.19 3.23
C LEU E 142 16.84 -0.03 4.30
N ALA E 143 17.08 -1.12 5.02
CA ALA E 143 18.04 -1.15 6.11
C ALA E 143 18.93 -2.39 5.91
N PRO E 144 20.22 -2.28 6.26
CA PRO E 144 21.19 -3.38 6.05
C PRO E 144 20.71 -4.70 6.64
N CYS E 145 21.13 -5.82 6.07
CA CYS E 145 20.73 -7.15 6.53
C CYS E 145 21.07 -7.38 8.01
N SER E 146 22.14 -6.73 8.47
CA SER E 146 22.50 -6.77 9.88
C SER E 146 23.15 -5.46 10.30
N ARG E 147 23.34 -5.28 11.60
CA ARG E 147 23.96 -4.06 12.13
C ARG E 147 25.37 -3.91 11.58
N SER E 148 25.45 -3.51 10.30
CA SER E 148 26.72 -3.41 9.58
C SER E 148 27.81 -2.67 10.35
N THR E 149 28.87 -3.41 10.66
CA THR E 149 29.95 -2.98 11.57
C THR E 149 30.24 -1.48 11.61
N SER E 150 29.98 -0.87 12.76
CA SER E 150 30.18 0.55 12.97
C SER E 150 31.66 0.93 12.83
N GLY E 151 31.90 2.13 12.31
CA GLY E 151 33.26 2.61 12.11
C GLY E 151 33.36 3.62 10.99
N GLY E 152 32.77 3.30 9.84
CA GLY E 152 32.83 4.16 8.69
C GLY E 152 31.49 4.75 8.28
N THR E 153 30.97 4.30 7.15
CA THR E 153 29.74 4.86 6.60
C THR E 153 28.65 3.79 6.44
N ALA E 154 27.40 4.22 6.37
CA ALA E 154 26.28 3.30 6.27
C ALA E 154 25.28 3.69 5.19
N ALA E 155 24.70 2.70 4.53
CA ALA E 155 23.72 2.94 3.48
C ALA E 155 22.32 2.58 3.94
N LEU E 156 21.38 3.49 3.70
CA LEU E 156 19.99 3.27 4.02
C LEU E 156 19.16 3.90 2.91
N GLY E 157 17.93 3.44 2.77
CA GLY E 157 17.13 3.91 1.65
C GLY E 157 15.65 3.71 1.81
N CYS E 158 14.93 4.08 0.77
CA CYS E 158 13.49 3.88 0.69
C CYS E 158 13.20 3.17 -0.62
N LEU E 159 12.41 2.11 -0.55
CA LEU E 159 11.88 1.45 -1.75
C LEU E 159 10.49 2.03 -2.03
N VAL E 160 10.36 2.70 -3.17
CA VAL E 160 9.11 3.33 -3.57
C VAL E 160 8.41 2.38 -4.55
N LYS E 161 7.38 1.69 -4.08
CA LYS E 161 6.86 0.54 -4.81
C LYS E 161 5.43 0.67 -5.37
N ASP E 162 5.25 0.12 -6.58
CA ASP E 162 3.93 -0.07 -7.18
C ASP E 162 3.09 1.19 -7.37
N TYR E 163 3.66 2.18 -8.07
CA TYR E 163 2.91 3.38 -8.42
C TYR E 163 2.66 3.49 -9.92
N PHE E 164 1.68 4.30 -10.29
CA PHE E 164 1.36 4.60 -11.68
C PHE E 164 0.56 5.90 -11.79
N PRO E 165 0.89 6.73 -12.79
CA PRO E 165 2.00 6.62 -13.74
C PRO E 165 3.27 7.27 -13.17
N GLU E 166 4.33 7.30 -13.97
CA GLU E 166 5.49 8.12 -13.64
C GLU E 166 5.08 9.59 -13.66
N PRO E 167 5.84 10.45 -12.96
CA PRO E 167 7.02 10.18 -12.14
C PRO E 167 6.72 10.27 -10.64
N VAL E 168 7.67 9.85 -9.82
CA VAL E 168 7.70 10.23 -8.41
C VAL E 168 8.99 11.01 -8.20
N THR E 169 8.99 11.91 -7.22
CA THR E 169 10.23 12.55 -6.77
C THR E 169 10.52 12.11 -5.34
N VAL E 170 11.79 12.05 -4.99
CA VAL E 170 12.20 11.72 -3.63
C VAL E 170 13.18 12.74 -3.09
N SER E 171 12.91 13.25 -1.90
CA SER E 171 13.91 14.02 -1.17
C SER E 171 14.20 13.38 0.18
N TRP E 172 15.17 13.94 0.90
CA TRP E 172 15.50 13.48 2.23
C TRP E 172 15.54 14.61 3.25
N ASN E 173 14.90 14.40 4.39
CA ASN E 173 14.83 15.42 5.45
C ASN E 173 14.29 16.75 4.93
N SER E 174 13.23 16.66 4.13
CA SER E 174 12.54 17.82 3.58
C SER E 174 13.48 18.69 2.76
N GLY E 175 14.46 18.05 2.14
CA GLY E 175 15.41 18.74 1.28
C GLY E 175 16.69 19.11 2.01
N ALA E 176 16.64 19.12 3.34
CA ALA E 176 17.78 19.54 4.16
C ALA E 176 19.02 18.67 3.96
N LEU E 177 18.84 17.48 3.41
CA LEU E 177 19.95 16.58 3.13
C LEU E 177 20.04 16.30 1.64
N THR E 178 21.21 16.58 1.06
CA THR E 178 21.41 16.39 -0.38
C THR E 178 22.70 15.65 -0.67
N SER E 179 23.70 15.82 0.20
CA SER E 179 24.97 15.13 0.00
C SER E 179 24.83 13.64 0.25
N GLY E 180 25.32 12.84 -0.69
CA GLY E 180 25.30 11.40 -0.55
C GLY E 180 24.00 10.76 -0.99
N VAL E 181 23.06 11.59 -1.46
CA VAL E 181 21.76 11.10 -1.90
C VAL E 181 21.80 10.67 -3.36
N HIS E 182 21.25 9.49 -3.65
CA HIS E 182 21.07 9.08 -5.04
C HIS E 182 19.80 8.26 -5.27
N THR E 183 18.88 8.81 -6.07
CA THR E 183 17.70 8.03 -6.44
C THR E 183 17.76 7.53 -7.88
N PHE E 184 17.49 6.23 -8.03
CA PHE E 184 17.67 5.50 -9.26
C PHE E 184 16.46 5.64 -10.18
N PRO E 185 16.60 5.27 -11.47
CA PRO E 185 15.42 5.36 -12.34
C PRO E 185 14.40 4.27 -12.01
N ALA E 186 13.17 4.44 -12.49
CA ALA E 186 12.12 3.49 -12.19
C ALA E 186 12.28 2.21 -13.00
N VAL E 187 11.74 1.10 -12.49
CA VAL E 187 11.59 -0.10 -13.28
C VAL E 187 10.09 -0.35 -13.46
N LEU E 188 9.73 -1.02 -14.56
CA LEU E 188 8.34 -1.38 -14.79
C LEU E 188 8.15 -2.86 -14.52
N GLN E 189 7.32 -3.19 -13.53
CA GLN E 189 7.09 -4.57 -13.16
C GLN E 189 6.00 -5.21 -14.03
N SER E 190 5.88 -6.54 -13.97
CA SER E 190 4.92 -7.27 -14.80
C SER E 190 3.47 -6.89 -14.48
N SER E 191 3.26 -6.32 -13.30
CA SER E 191 1.95 -5.85 -12.87
C SER E 191 1.52 -4.59 -13.61
N GLY E 192 2.47 -3.96 -14.29
CA GLY E 192 2.20 -2.70 -14.96
C GLY E 192 2.44 -1.49 -14.07
N LEU E 193 2.95 -1.73 -12.86
CA LEU E 193 3.24 -0.63 -11.95
C LEU E 193 4.75 -0.41 -11.83
N TYR E 194 5.14 0.82 -11.53
CA TYR E 194 6.54 1.18 -11.41
C TYR E 194 7.08 1.08 -9.98
N SER E 195 8.39 0.88 -9.88
CA SER E 195 9.09 0.94 -8.60
C SER E 195 10.43 1.60 -8.81
N LEU E 196 10.88 2.33 -7.78
CA LEU E 196 12.25 2.86 -7.74
C LEU E 196 12.79 2.85 -6.33
N SER E 197 14.08 3.14 -6.20
CA SER E 197 14.73 3.22 -4.89
C SER E 197 15.51 4.52 -4.77
N SER E 198 15.61 5.02 -3.55
CA SER E 198 16.45 6.18 -3.27
C SER E 198 17.32 5.80 -2.10
N VAL E 199 18.60 6.14 -2.17
CA VAL E 199 19.54 5.70 -1.16
C VAL E 199 20.40 6.89 -0.72
N VAL E 200 20.81 6.88 0.54
CA VAL E 200 21.70 7.91 1.02
C VAL E 200 22.79 7.24 1.84
N THR E 201 24.01 7.74 1.71
CA THR E 201 25.12 7.23 2.49
C THR E 201 25.41 8.21 3.63
N VAL E 202 25.38 7.70 4.86
CA VAL E 202 25.50 8.56 6.02
C VAL E 202 26.61 8.08 6.95
N PRO E 203 27.18 9.01 7.74
CA PRO E 203 28.15 8.60 8.77
C PRO E 203 27.52 7.63 9.77
N SER E 204 28.15 6.47 9.92
CA SER E 204 27.70 5.46 10.88
C SER E 204 27.47 6.05 12.29
N SER E 205 28.23 7.07 12.63
CA SER E 205 28.17 7.67 13.96
C SER E 205 26.98 8.63 14.09
N SER E 206 26.39 9.01 12.97
CA SER E 206 25.23 9.89 12.99
C SER E 206 23.99 9.08 13.34
N LEU E 207 24.00 7.81 12.96
CA LEU E 207 22.93 6.88 13.32
C LEU E 207 22.81 6.87 14.83
N GLY E 208 21.59 6.94 15.33
CA GLY E 208 21.38 6.97 16.76
C GLY E 208 21.09 8.37 17.26
N THR E 209 21.52 9.39 16.51
CA THR E 209 21.22 10.77 16.86
C THR E 209 20.41 11.49 15.77
N GLN E 210 20.96 11.56 14.56
CA GLN E 210 20.29 12.25 13.47
C GLN E 210 19.25 11.33 12.79
N THR E 211 18.06 11.85 12.53
CA THR E 211 17.03 11.06 11.86
C THR E 211 17.09 11.21 10.35
N TYR E 212 16.64 10.18 9.64
CA TYR E 212 16.62 10.20 8.17
C TYR E 212 15.24 9.83 7.66
N THR E 213 14.63 10.78 6.95
CA THR E 213 13.25 10.63 6.50
C THR E 213 13.20 10.86 5.01
N CYS E 214 12.67 9.89 4.27
CA CYS E 214 12.52 10.12 2.84
C CYS E 214 11.15 10.69 2.58
N ASN E 215 11.09 11.69 1.71
CA ASN E 215 9.85 12.35 1.37
C ASN E 215 9.53 12.03 -0.08
N VAL E 216 8.41 11.36 -0.30
CA VAL E 216 8.02 10.90 -1.63
C VAL E 216 6.80 11.64 -2.11
N ASN E 217 6.89 12.23 -3.29
CA ASN E 217 5.75 12.94 -3.85
C ASN E 217 5.35 12.22 -5.12
N HIS E 218 4.07 11.85 -5.21
CA HIS E 218 3.53 11.29 -6.43
C HIS E 218 2.38 12.17 -6.87
N LYS E 219 2.70 13.20 -7.64
CA LYS E 219 1.70 14.20 -8.06
C LYS E 219 0.46 13.63 -8.81
N PRO E 220 0.64 12.66 -9.71
CA PRO E 220 -0.53 12.15 -10.45
C PRO E 220 -1.64 11.58 -9.56
N SER E 221 -1.27 11.04 -8.40
CA SER E 221 -2.28 10.52 -7.47
C SER E 221 -2.51 11.46 -6.28
N ASN E 222 -1.80 12.59 -6.27
CA ASN E 222 -1.80 13.55 -5.16
C ASN E 222 -1.47 12.89 -3.81
N THR E 223 -0.43 12.06 -3.83
CA THR E 223 0.04 11.33 -2.67
C THR E 223 1.41 11.84 -2.25
N LYS E 224 1.56 12.12 -0.96
CA LYS E 224 2.87 12.41 -0.39
C LYS E 224 3.06 11.49 0.80
N VAL E 225 4.25 10.90 0.89
CA VAL E 225 4.58 9.98 1.96
C VAL E 225 5.92 10.36 2.56
N ASP E 226 5.94 10.51 3.88
CA ASP E 226 7.17 10.68 4.63
C ASP E 226 7.44 9.42 5.43
N LYS E 227 8.61 8.83 5.25
CA LYS E 227 8.93 7.58 5.90
C LYS E 227 10.26 7.74 6.59
N ARG E 228 10.30 7.57 7.92
CA ARG E 228 11.58 7.58 8.60
C ARG E 228 12.22 6.21 8.49
N VAL E 229 13.52 6.19 8.25
CA VAL E 229 14.23 4.93 8.09
C VAL E 229 15.22 4.82 9.23
N GLU E 230 15.12 3.76 10.02
CA GLU E 230 15.94 3.62 11.23
C GLU E 230 16.84 2.39 11.19
N LEU E 231 18.14 2.61 11.38
CA LEU E 231 19.12 1.52 11.38
C LEU E 231 19.59 1.22 12.80
N CYS F 1 22.63 8.66 -66.27
CA CYS F 1 21.75 7.87 -65.41
C CYS F 1 22.20 7.91 -63.96
N ARG F 2 21.34 7.37 -63.08
CA ARG F 2 21.61 7.39 -61.65
C ARG F 2 21.43 6.02 -61.01
N ILE F 3 22.29 5.73 -60.03
CA ILE F 3 22.21 4.49 -59.28
C ILE F 3 21.88 4.85 -57.83
N HIS F 4 20.91 4.14 -57.26
CA HIS F 4 20.40 4.47 -55.93
C HIS F 4 20.66 3.32 -54.99
N ILE F 5 21.28 3.61 -53.86
CA ILE F 5 21.63 2.57 -52.91
C ILE F 5 20.91 2.87 -51.61
N GLY F 6 19.81 2.15 -51.35
CA GLY F 6 19.02 2.37 -50.14
C GLY F 6 17.67 1.67 -50.23
N PRO F 7 16.96 1.60 -49.09
CA PRO F 7 15.68 0.89 -49.01
C PRO F 7 14.56 1.48 -49.84
N GLY F 8 13.84 0.62 -50.57
CA GLY F 8 12.70 1.05 -51.33
C GLY F 8 13.03 1.82 -52.59
N ARG F 9 14.33 1.99 -52.86
CA ARG F 9 14.76 2.79 -54.01
C ARG F 9 14.95 1.89 -55.24
N ALA F 10 14.52 2.38 -56.40
CA ALA F 10 14.88 1.73 -57.66
C ALA F 10 16.40 1.82 -57.84
N PHE F 11 17.04 0.70 -58.14
CA PHE F 11 18.50 0.68 -58.21
C PHE F 11 19.02 1.57 -59.32
N TYR F 12 18.30 1.61 -60.43
CA TYR F 12 18.80 2.29 -61.63
C TYR F 12 17.71 3.13 -62.27
N THR F 13 17.98 4.42 -62.45
CA THR F 13 17.02 5.33 -63.10
C THR F 13 17.70 6.21 -64.15
N CYS F 14 16.93 6.59 -65.18
CA CYS F 14 17.45 7.40 -66.30
C CYS F 14 16.55 8.59 -66.63
C1 GOL G . -30.97 11.58 43.00
O1 GOL G . -29.63 11.24 43.25
C2 GOL G . -31.78 10.33 42.70
O2 GOL G . -31.00 9.30 42.17
C3 GOL G . -32.51 9.87 43.93
O3 GOL G . -33.84 9.69 43.51
C1 GOL H . -16.01 -3.94 32.84
O1 GOL H . -17.11 -3.31 32.20
C2 GOL H . -14.79 -3.03 33.02
O2 GOL H . -15.24 -1.74 33.27
C3 GOL H . -13.93 -3.50 34.20
O3 GOL H . -12.70 -2.81 34.31
C1 GOL I . -38.23 0.36 25.81
O1 GOL I . -37.70 -0.69 25.02
C2 GOL I . -38.91 -0.19 27.06
O2 GOL I . -38.47 -1.51 27.24
C3 GOL I . -38.62 0.64 28.32
C1 GOL J . -27.04 5.41 40.90
O1 GOL J . -25.94 6.19 40.42
C2 GOL J . -28.31 6.28 40.96
O2 GOL J . -28.44 6.74 42.29
C3 GOL J . -28.17 7.50 40.04
O3 GOL J . -28.10 7.14 38.67
C1 GOL K . -32.59 -23.18 27.51
O1 GOL K . -33.06 -21.85 27.51
C2 GOL K . -32.97 -23.86 28.83
O2 GOL K . -33.20 -22.85 29.78
C3 GOL K . -31.79 -24.69 29.27
O3 GOL K . -32.20 -25.47 30.35
C1 GOL L . -33.90 -19.69 41.65
O1 GOL L . -35.17 -19.74 41.01
C2 GOL L . -34.08 -19.11 43.04
O2 GOL L . -33.22 -19.85 43.90
C3 GOL L . -33.68 -17.64 43.06
O3 GOL L . -34.39 -16.86 42.13
C1 GOL M . -21.33 -4.59 29.02
O1 GOL M . -21.67 -3.35 29.61
C2 GOL M . -20.94 -5.62 30.08
O2 GOL M . -20.69 -6.86 29.44
C3 GOL M . -19.65 -5.08 30.68
O3 GOL M . -19.11 -4.08 29.82
C1 GOL N . -11.04 -4.67 54.23
O1 GOL N . -11.05 -5.96 54.78
C2 GOL N . -12.04 -3.77 54.93
O2 GOL N . -13.33 -4.22 54.56
C3 GOL N . -11.77 -3.84 56.42
O3 GOL N . -10.38 -3.76 56.67
C1 GOL O . -18.01 -25.91 43.34
O1 GOL O . -17.18 -26.76 42.57
C2 GOL O . -17.13 -24.83 43.97
O2 GOL O . -16.18 -25.38 44.85
C3 GOL O . -16.37 -24.11 42.87
O3 GOL O . -15.70 -23.03 43.48
C1 GOL P . -2.59 -17.96 49.12
O1 GOL P . -2.42 -17.79 50.52
C2 GOL P . -3.26 -19.30 48.78
O2 GOL P . -4.32 -19.46 49.68
C3 GOL P . -3.76 -19.29 47.32
O3 GOL P . -3.72 -20.54 46.67
C1 GOL Q . -17.41 -12.74 56.01
O1 GOL Q . -17.40 -13.07 57.38
C2 GOL Q . -17.28 -14.00 55.17
O2 GOL Q . -17.57 -15.12 55.96
C3 GOL Q . -18.25 -13.98 54.00
O3 GOL Q . -18.03 -15.16 53.27
C1 GOL R . -14.36 1.57 42.19
O1 GOL R . -13.06 1.65 41.65
C2 GOL R . -14.83 0.11 42.13
O2 GOL R . -13.74 -0.64 42.57
C3 GOL R . -16.02 -0.11 43.05
O3 GOL R . -17.21 0.07 42.30
C1 GOL S . 9.92 -6.65 -41.10
O1 GOL S . 9.20 -5.81 -40.21
C2 GOL S . 11.15 -7.23 -40.42
O2 GOL S . 11.43 -8.51 -40.97
C3 GOL S . 12.34 -6.31 -40.66
O3 GOL S . 13.51 -6.89 -40.12
C1 GOL T . 16.22 -14.24 -43.22
O1 GOL T . 17.59 -14.05 -42.94
C2 GOL T . 15.41 -14.10 -41.93
O2 GOL T . 15.02 -12.76 -41.73
C3 GOL T . 14.17 -14.97 -42.04
O3 GOL T . 13.30 -14.46 -43.04
C1 GOL U . 40.03 15.57 -36.77
O1 GOL U . 39.39 16.55 -36.00
C2 GOL U . 39.71 14.21 -36.19
O2 GOL U . 40.87 13.41 -36.04
C3 GOL U . 39.05 14.40 -34.83
O3 GOL U . 38.44 13.20 -34.44
C1 GOL V . 19.13 3.94 -30.76
O1 GOL V . 19.47 3.96 -29.42
C2 GOL V . 20.25 3.21 -31.45
O2 GOL V . 21.09 2.74 -30.41
C3 GOL V . 19.66 2.08 -32.26
O3 GOL V . 19.32 1.00 -31.40
C1 GOL W . 5.68 13.84 -24.93
O1 GOL W . 6.64 12.87 -24.56
C2 GOL W . 6.48 15.06 -25.32
O2 GOL W . 7.85 14.69 -25.32
C3 GOL W . 6.05 15.53 -26.72
O3 GOL W . 5.08 16.56 -26.61
#